data_2Z8R
#
_entry.id   2Z8R
#
_cell.length_a   56.897
_cell.length_b   106.153
_cell.length_c   101.041
_cell.angle_alpha   90.00
_cell.angle_beta   95.11
_cell.angle_gamma   90.00
#
_symmetry.space_group_name_H-M   'P 1 21 1'
#
loop_
_entity.id
_entity.type
_entity.pdbx_description
1 polymer 'YesW protein'
2 non-polymer 'CALCIUM ION'
3 non-polymer (4S)-2-METHYL-2,4-PENTANEDIOL
4 water water
#
_entity_poly.entity_id   1
_entity_poly.type   'polypeptide(L)'
_entity_poly.pdbx_seq_one_letter_code
;AARQMEALNRGLVAVKTDGGIFVSWRFLGTENASVLFNVYRDGQKLNAAPVKTTNYVDKNGSAGSTYTVRAVVNGTEQPA
SEKASVWAQPYHSVPLDKPAGGTTPKGESYTYSANDASVGDVDGDGQYELILKWDPSNSKDNSQDGYTGDVLIDAYKLDG
TKLWRINLGKNIRAGAHYTQFMVYDLDGDGKAEVAMKTADGTKDGTGKVIGNANADYRNEQGRVLSGPEYLTVFQGSTGK
ELVTANFEPARGNVSDWGDSYGNRVDRFLAGIAYLDGQRPSLIMTRGYYAKTMLVAYNFRDGKLSKLWTLDSSKSGNEAF
AGQGNHNLSIADVDGDGKDEIIFGSMAVDHDGKGMYSTGLGHGDALHTGDLDPGRPGLEVFQVHEDKNAKYGLSFRDAAT
GKILWGVYAGKDVGRGMAADIDPRYPGQEVWANGSLYSAKGVKIGSGVPSSTNFGIWWDGDLLREQLDSNRIDKWDYQNG
VSKNMLTASGAAANNGTKATPTLQADLLGDWREEVVWRTEDSSALRIYTTTIPTEHRLYTLMHDPVYRLGIAWQNIAYNQ
PPHTSFFLGDGMAEQPKPNMYTPLEHHHHHH
;
_entity_poly.pdbx_strand_id   A,B
#
# COMPACT_ATOMS: atom_id res chain seq x y z
N ALA A 1 -38.24 -20.03 22.40
CA ALA A 1 -38.55 -18.64 21.95
C ALA A 1 -37.68 -18.24 20.76
N ALA A 2 -38.19 -17.33 19.95
CA ALA A 2 -37.38 -16.70 18.90
C ALA A 2 -36.27 -15.85 19.52
N ARG A 3 -35.07 -15.94 18.96
CA ARG A 3 -33.92 -15.15 19.42
C ARG A 3 -33.74 -13.86 18.64
N GLN A 4 -33.34 -12.81 19.37
CA GLN A 4 -32.90 -11.58 18.73
C GLN A 4 -31.70 -11.88 17.85
N MET A 5 -31.79 -11.51 16.57
CA MET A 5 -30.65 -11.61 15.67
C MET A 5 -30.60 -10.34 14.82
N GLU A 6 -29.53 -10.16 14.05
CA GLU A 6 -29.32 -8.89 13.34
C GLU A 6 -30.17 -8.76 12.09
N ALA A 7 -30.70 -7.56 11.88
CA ALA A 7 -31.31 -7.21 10.60
C ALA A 7 -30.16 -6.98 9.63
N LEU A 8 -30.01 -7.87 8.66
CA LEU A 8 -28.92 -7.82 7.71
C LEU A 8 -29.42 -7.43 6.34
N ASN A 9 -28.59 -6.71 5.59
CA ASN A 9 -28.96 -6.41 4.21
C ASN A 9 -28.67 -7.64 3.34
N ARG A 10 -28.73 -7.50 2.03
CA ARG A 10 -28.60 -8.65 1.14
C ARG A 10 -27.18 -9.23 1.13
N GLY A 11 -26.21 -8.47 1.62
CA GLY A 11 -24.81 -8.89 1.58
C GLY A 11 -24.31 -9.13 0.18
N LEU A 12 -24.90 -8.44 -0.80
CA LEU A 12 -24.56 -8.66 -2.19
C LEU A 12 -23.11 -8.26 -2.46
N VAL A 13 -22.40 -9.15 -3.15
CA VAL A 13 -21.01 -8.92 -3.51
C VAL A 13 -20.83 -9.36 -4.96
N ALA A 14 -19.95 -8.67 -5.68
CA ALA A 14 -19.65 -8.98 -7.07
C ALA A 14 -18.14 -8.87 -7.26
N VAL A 15 -17.54 -9.90 -7.82
CA VAL A 15 -16.09 -10.00 -7.87
C VAL A 15 -15.68 -10.37 -9.29
N LYS A 16 -14.78 -9.58 -9.85
CA LYS A 16 -14.25 -9.85 -11.18
C LYS A 16 -13.42 -11.14 -11.18
N THR A 17 -13.72 -12.02 -12.12
CA THR A 17 -12.93 -13.23 -12.38
C THR A 17 -12.72 -13.31 -13.90
N ASP A 18 -11.86 -14.24 -14.34
CA ASP A 18 -11.63 -14.47 -15.77
C ASP A 18 -12.87 -14.99 -16.50
N GLY A 19 -13.74 -15.68 -15.79
CA GLY A 19 -14.97 -16.22 -16.36
C GLY A 19 -16.12 -15.24 -16.39
N GLY A 20 -15.87 -14.02 -15.95
CA GLY A 20 -16.89 -13.01 -15.82
C GLY A 20 -17.01 -12.56 -14.37
N ILE A 21 -18.17 -12.01 -14.03
CA ILE A 21 -18.39 -11.46 -12.70
C ILE A 21 -19.09 -12.49 -11.81
N PHE A 22 -18.42 -12.86 -10.71
CA PHE A 22 -19.01 -13.76 -9.74
C PHE A 22 -19.80 -12.95 -8.73
N VAL A 23 -21.07 -13.31 -8.55
CA VAL A 23 -21.97 -12.58 -7.67
C VAL A 23 -22.51 -13.55 -6.62
N SER A 24 -22.45 -13.16 -5.34
CA SER A 24 -23.11 -13.99 -4.33
C SER A 24 -23.82 -13.11 -3.30
N TRP A 25 -24.76 -13.70 -2.59
CA TRP A 25 -25.58 -12.94 -1.66
C TRP A 25 -26.16 -13.85 -0.58
N ARG A 26 -26.78 -13.23 0.42
CA ARG A 26 -27.30 -13.95 1.57
C ARG A 26 -28.67 -14.54 1.31
N PHE A 27 -28.88 -15.73 1.87
CA PHE A 27 -30.19 -16.28 2.13
C PHE A 27 -30.45 -15.91 3.59
N LEU A 28 -31.38 -14.97 3.82
CA LEU A 28 -31.59 -14.41 5.15
C LEU A 28 -32.44 -15.32 6.01
N GLY A 29 -32.18 -15.31 7.32
CA GLY A 29 -32.91 -16.16 8.27
C GLY A 29 -34.40 -15.87 8.34
N THR A 30 -34.79 -14.74 7.77
CA THR A 30 -36.21 -14.33 7.72
C THR A 30 -36.93 -14.89 6.49
N GLU A 31 -36.19 -15.57 5.62
CA GLU A 31 -36.71 -16.04 4.34
C GLU A 31 -37.04 -17.53 4.34
N ASN A 32 -38.16 -17.87 3.72
CA ASN A 32 -38.62 -19.24 3.57
C ASN A 32 -37.89 -20.01 2.46
N ALA A 33 -37.97 -21.33 2.51
CA ALA A 33 -37.39 -22.21 1.50
C ALA A 33 -37.93 -21.93 0.10
N SER A 34 -39.13 -21.37 0.03
CA SER A 34 -39.79 -21.10 -1.25
C SER A 34 -39.35 -19.79 -1.92
N VAL A 35 -38.43 -19.06 -1.29
N VAL A 35 -38.46 -19.04 -1.27
CA VAL A 35 -37.94 -17.79 -1.84
CA VAL A 35 -37.96 -17.80 -1.86
C VAL A 35 -36.92 -18.02 -2.95
C VAL A 35 -37.01 -18.10 -3.01
N LEU A 36 -37.10 -17.30 -4.06
CA LEU A 36 -36.18 -17.37 -5.19
C LEU A 36 -35.66 -15.96 -5.45
N PHE A 37 -34.77 -15.84 -6.43
CA PHE A 37 -34.09 -14.56 -6.70
C PHE A 37 -33.94 -14.23 -8.17
N ASN A 38 -34.04 -12.94 -8.48
CA ASN A 38 -33.63 -12.42 -9.78
C ASN A 38 -32.38 -11.57 -9.63
N VAL A 39 -31.47 -11.71 -10.59
CA VAL A 39 -30.20 -10.98 -10.60
C VAL A 39 -30.26 -9.89 -11.67
N TYR A 40 -29.92 -8.66 -11.29
CA TYR A 40 -29.96 -7.50 -12.19
C TYR A 40 -28.60 -6.84 -12.32
N ARG A 41 -28.16 -6.66 -13.57
CA ARG A 41 -26.98 -5.84 -13.86
C ARG A 41 -27.44 -4.48 -14.36
N ASP A 42 -27.22 -3.45 -13.54
CA ASP A 42 -27.63 -2.07 -13.84
C ASP A 42 -29.10 -1.96 -14.28
N GLY A 43 -29.98 -2.60 -13.51
CA GLY A 43 -31.42 -2.54 -13.75
C GLY A 43 -31.95 -3.51 -14.79
N GLN A 44 -31.05 -4.27 -15.41
CA GLN A 44 -31.41 -5.26 -16.41
C GLN A 44 -31.33 -6.68 -15.84
N LYS A 45 -32.44 -7.41 -15.89
CA LYS A 45 -32.49 -8.79 -15.39
C LYS A 45 -31.65 -9.74 -16.23
N LEU A 46 -30.84 -10.57 -15.57
CA LEU A 46 -29.91 -11.48 -16.24
C LEU A 46 -30.43 -12.90 -16.41
N ASN A 47 -31.27 -13.34 -15.49
CA ASN A 47 -31.73 -14.73 -15.46
C ASN A 47 -33.16 -14.85 -15.96
N ALA A 48 -33.37 -15.76 -16.91
CA ALA A 48 -34.67 -15.94 -17.57
C ALA A 48 -35.75 -16.37 -16.59
N ALA A 49 -35.36 -17.19 -15.61
CA ALA A 49 -36.27 -17.67 -14.57
C ALA A 49 -35.60 -17.43 -13.21
N PRO A 50 -36.39 -17.13 -12.16
CA PRO A 50 -35.81 -16.94 -10.83
C PRO A 50 -34.91 -18.10 -10.41
N VAL A 51 -33.82 -17.78 -9.71
CA VAL A 51 -32.83 -18.78 -9.32
C VAL A 51 -32.99 -19.08 -7.84
N LYS A 52 -32.57 -20.28 -7.46
CA LYS A 52 -32.61 -20.69 -6.06
C LYS A 52 -31.26 -20.40 -5.40
N THR A 53 -30.18 -20.88 -6.01
CA THR A 53 -28.86 -20.79 -5.41
C THR A 53 -28.38 -19.35 -5.36
N THR A 54 -27.71 -19.01 -4.26
CA THR A 54 -27.33 -17.63 -3.95
C THR A 54 -25.95 -17.23 -4.48
N ASN A 55 -25.58 -17.79 -5.62
CA ASN A 55 -24.42 -17.33 -6.37
C ASN A 55 -24.68 -17.46 -7.86
N TYR A 56 -24.03 -16.62 -8.65
CA TYR A 56 -24.35 -16.49 -10.07
C TYR A 56 -23.14 -15.94 -10.79
N VAL A 57 -22.84 -16.48 -11.96
CA VAL A 57 -21.74 -15.97 -12.76
C VAL A 57 -22.29 -15.20 -13.96
N ASP A 58 -22.01 -13.91 -14.00
CA ASP A 58 -22.36 -13.04 -15.13
C ASP A 58 -21.17 -12.97 -16.10
N LYS A 59 -21.24 -13.78 -17.15
CA LYS A 59 -20.19 -13.84 -18.18
C LYS A 59 -19.93 -12.50 -18.87
N ASN A 60 -20.98 -11.68 -19.00
CA ASN A 60 -20.91 -10.45 -19.77
C ASN A 60 -20.79 -9.16 -18.95
N GLY A 61 -20.61 -9.30 -17.64
CA GLY A 61 -20.44 -8.14 -16.77
C GLY A 61 -19.05 -7.55 -16.90
N SER A 62 -18.91 -6.28 -16.51
CA SER A 62 -17.60 -5.63 -16.55
C SER A 62 -17.28 -4.92 -15.24
N ALA A 63 -16.04 -4.44 -15.13
CA ALA A 63 -15.54 -3.78 -13.92
C ALA A 63 -16.37 -2.56 -13.50
N GLY A 64 -17.11 -1.97 -14.45
CA GLY A 64 -17.97 -0.83 -14.15
C GLY A 64 -19.42 -1.17 -13.87
N SER A 65 -19.78 -2.45 -13.96
CA SER A 65 -21.16 -2.89 -13.74
C SER A 65 -21.56 -2.77 -12.27
N THR A 66 -22.85 -2.52 -12.03
CA THR A 66 -23.39 -2.58 -10.67
C THR A 66 -24.51 -3.61 -10.64
N TYR A 67 -24.68 -4.24 -9.49
CA TYR A 67 -25.64 -5.34 -9.36
C TYR A 67 -26.66 -5.09 -8.28
N THR A 68 -27.87 -5.60 -8.50
CA THR A 68 -28.86 -5.73 -7.45
C THR A 68 -29.47 -7.11 -7.55
N VAL A 69 -30.07 -7.54 -6.46
CA VAL A 69 -30.85 -8.77 -6.43
C VAL A 69 -32.23 -8.44 -5.89
N ARG A 70 -33.26 -9.08 -6.46
N ARG A 70 -33.25 -9.10 -6.45
CA ARG A 70 -34.62 -8.98 -5.95
CA ARG A 70 -34.62 -8.98 -5.97
C ARG A 70 -35.11 -10.36 -5.58
C ARG A 70 -35.15 -10.35 -5.60
N ALA A 71 -35.60 -10.50 -4.36
CA ALA A 71 -36.23 -11.74 -3.90
C ALA A 71 -37.60 -11.88 -4.56
N VAL A 72 -38.00 -13.13 -4.79
CA VAL A 72 -39.34 -13.44 -5.27
C VAL A 72 -40.01 -14.26 -4.18
N VAL A 73 -40.99 -13.65 -3.52
CA VAL A 73 -41.64 -14.21 -2.34
C VAL A 73 -43.10 -14.50 -2.69
N ASN A 74 -43.48 -15.78 -2.51
N ASN A 74 -43.49 -15.77 -2.58
CA ASN A 74 -44.79 -16.31 -2.92
CA ASN A 74 -44.86 -16.22 -2.88
C ASN A 74 -45.31 -15.73 -4.25
C ASN A 74 -45.34 -15.86 -4.29
N GLY A 75 -44.41 -15.68 -5.22
CA GLY A 75 -44.75 -15.30 -6.59
C GLY A 75 -44.49 -13.85 -6.98
N THR A 76 -44.35 -12.95 -6.00
CA THR A 76 -44.16 -11.55 -6.35
C THR A 76 -42.77 -11.03 -6.02
N GLU A 77 -42.21 -10.28 -6.96
CA GLU A 77 -40.88 -9.71 -6.81
C GLU A 77 -40.87 -8.61 -5.77
N GLN A 78 -39.81 -8.60 -4.97
CA GLN A 78 -39.64 -7.63 -3.89
C GLN A 78 -38.73 -6.49 -4.33
N PRO A 79 -38.71 -5.38 -3.56
CA PRO A 79 -37.83 -4.27 -3.92
C PRO A 79 -36.37 -4.69 -3.97
N ALA A 80 -35.60 -4.00 -4.81
CA ALA A 80 -34.19 -4.32 -5.03
C ALA A 80 -33.35 -4.26 -3.76
N SER A 81 -32.31 -5.08 -3.73
CA SER A 81 -31.30 -5.02 -2.68
C SER A 81 -30.53 -3.71 -2.77
N GLU A 82 -29.66 -3.48 -1.79
CA GLU A 82 -28.63 -2.47 -1.91
C GLU A 82 -27.80 -2.79 -3.16
N LYS A 83 -27.23 -1.75 -3.76
N LYS A 83 -27.23 -1.75 -3.76
CA LYS A 83 -26.45 -1.89 -4.99
CA LYS A 83 -26.44 -1.90 -4.98
C LYS A 83 -25.01 -2.33 -4.69
C LYS A 83 -25.02 -2.37 -4.66
N ALA A 84 -24.46 -3.20 -5.52
CA ALA A 84 -23.08 -3.69 -5.36
C ALA A 84 -22.21 -3.42 -6.58
N SER A 85 -21.06 -2.80 -6.35
N SER A 85 -21.06 -2.78 -6.36
CA SER A 85 -20.06 -2.59 -7.40
CA SER A 85 -20.08 -2.59 -7.42
C SER A 85 -19.08 -3.76 -7.46
C SER A 85 -19.19 -3.82 -7.53
N VAL A 86 -18.35 -3.86 -8.56
CA VAL A 86 -17.47 -4.99 -8.82
C VAL A 86 -16.11 -4.81 -8.17
N TRP A 87 -15.69 -5.81 -7.38
CA TRP A 87 -14.34 -5.83 -6.83
C TRP A 87 -13.36 -6.08 -7.96
N ALA A 88 -12.43 -5.15 -8.14
CA ALA A 88 -11.41 -5.27 -9.16
C ALA A 88 -10.27 -6.22 -8.78
N GLN A 89 -10.21 -6.64 -7.51
CA GLN A 89 -9.26 -7.64 -7.03
C GLN A 89 -10.02 -8.78 -6.33
N PRO A 90 -9.37 -9.95 -6.14
CA PRO A 90 -10.07 -11.07 -5.45
C PRO A 90 -10.39 -10.79 -3.97
N TYR A 91 -9.82 -9.72 -3.44
CA TYR A 91 -10.10 -9.25 -2.08
C TYR A 91 -10.50 -7.79 -2.12
N HIS A 92 -11.18 -7.33 -1.07
CA HIS A 92 -11.49 -5.94 -0.86
C HIS A 92 -10.60 -5.38 0.25
N SER A 93 -9.89 -4.31 -0.06
N SER A 93 -9.91 -4.29 -0.05
CA SER A 93 -9.03 -3.66 0.92
CA SER A 93 -8.99 -3.69 0.91
C SER A 93 -9.78 -2.65 1.79
C SER A 93 -9.62 -2.58 1.75
N VAL A 94 -9.52 -2.73 3.08
CA VAL A 94 -10.00 -1.72 4.02
C VAL A 94 -8.74 -0.99 4.51
N PRO A 95 -8.50 0.24 4.02
CA PRO A 95 -7.29 0.94 4.46
C PRO A 95 -7.34 1.25 5.96
N LEU A 96 -6.19 1.15 6.62
CA LEU A 96 -6.11 1.36 8.07
C LEU A 96 -5.35 2.61 8.43
N ASP A 97 -5.66 3.14 9.60
CA ASP A 97 -4.90 4.26 10.17
C ASP A 97 -3.93 3.68 11.19
N LYS A 98 -2.74 3.34 10.71
CA LYS A 98 -1.77 2.64 11.52
C LYS A 98 -1.29 3.55 12.65
N PRO A 99 -1.46 3.12 13.91
CA PRO A 99 -1.02 3.94 15.05
C PRO A 99 0.49 4.11 15.07
N ALA A 100 0.95 5.30 15.43
CA ALA A 100 2.38 5.56 15.59
C ALA A 100 2.97 4.68 16.68
N GLY A 101 4.22 4.27 16.48
CA GLY A 101 4.97 3.54 17.49
C GLY A 101 5.23 4.40 18.71
N GLY A 102 5.80 3.78 19.74
CA GLY A 102 6.07 4.47 20.98
C GLY A 102 7.26 3.89 21.69
N THR A 103 7.51 4.37 22.90
N THR A 103 7.50 4.41 22.89
CA THR A 103 8.65 3.91 23.69
CA THR A 103 8.59 3.96 23.74
C THR A 103 8.18 3.73 25.14
C THR A 103 8.01 3.64 25.12
N THR A 104 8.53 2.59 25.75
CA THR A 104 8.12 2.26 27.11
C THR A 104 8.90 3.11 28.12
N PRO A 105 8.45 3.14 29.40
CA PRO A 105 9.26 3.82 30.43
C PRO A 105 10.71 3.30 30.55
N LYS A 106 10.99 2.15 29.97
N LYS A 106 10.99 2.14 29.98
CA LYS A 106 12.32 1.53 30.03
CA LYS A 106 12.33 1.54 30.04
C LYS A 106 13.12 1.73 28.72
C LYS A 106 13.18 1.85 28.80
N GLY A 107 12.59 2.59 27.85
CA GLY A 107 13.30 2.95 26.62
C GLY A 107 13.19 1.95 25.48
N GLU A 108 12.26 1.00 25.58
CA GLU A 108 12.05 0.03 24.51
C GLU A 108 11.09 0.60 23.47
N SER A 109 11.53 0.61 22.22
N SER A 109 11.55 0.61 22.22
CA SER A 109 10.68 1.06 21.13
CA SER A 109 10.73 1.01 21.08
C SER A 109 9.78 -0.08 20.66
C SER A 109 9.74 -0.11 20.75
N TYR A 110 8.57 0.28 20.26
CA TYR A 110 7.60 -0.69 19.72
C TYR A 110 6.80 -0.04 18.60
N THR A 111 6.26 -0.90 17.72
CA THR A 111 5.39 -0.49 16.63
C THR A 111 4.11 -1.31 16.73
N TYR A 112 3.14 -0.99 15.88
CA TYR A 112 1.84 -1.65 15.91
C TYR A 112 1.57 -2.50 14.69
N SER A 113 0.87 -3.61 14.89
CA SER A 113 0.35 -4.42 13.81
C SER A 113 -1.13 -4.70 14.03
N ALA A 114 -1.85 -4.86 12.93
CA ALA A 114 -3.27 -5.18 12.97
C ALA A 114 -3.40 -6.60 13.53
N ASN A 115 -4.32 -6.80 14.47
CA ASN A 115 -4.40 -8.08 15.16
C ASN A 115 -5.85 -8.62 15.08
N ASP A 116 -6.36 -9.18 16.17
CA ASP A 116 -7.71 -9.76 16.16
C ASP A 116 -8.78 -8.74 15.88
N ALA A 117 -9.81 -9.17 15.16
CA ALA A 117 -10.97 -8.34 14.93
C ALA A 117 -12.27 -9.04 15.34
N SER A 118 -13.33 -8.24 15.39
CA SER A 118 -14.68 -8.74 15.49
C SER A 118 -15.54 -7.94 14.51
N VAL A 119 -16.82 -8.27 14.44
CA VAL A 119 -17.76 -7.48 13.65
C VAL A 119 -19.01 -7.15 14.41
N GLY A 120 -19.59 -6.02 14.06
CA GLY A 120 -20.92 -5.64 14.51
C GLY A 120 -21.43 -4.60 13.55
N ASP A 121 -22.74 -4.45 13.51
CA ASP A 121 -23.35 -3.41 12.69
C ASP A 121 -23.65 -2.24 13.63
N VAL A 122 -22.75 -1.27 13.65
CA VAL A 122 -22.83 -0.20 14.65
C VAL A 122 -23.84 0.89 14.29
N ASP A 123 -24.22 0.96 13.02
CA ASP A 123 -25.16 2.00 12.58
C ASP A 123 -26.50 1.45 12.08
N GLY A 124 -26.66 0.13 12.04
CA GLY A 124 -27.96 -0.48 11.81
C GLY A 124 -28.42 -0.59 10.35
N ASP A 125 -27.48 -0.49 9.42
CA ASP A 125 -27.85 -0.57 8.00
C ASP A 125 -27.75 -1.99 7.42
N GLY A 126 -27.38 -2.96 8.25
CA GLY A 126 -27.32 -4.35 7.79
C GLY A 126 -26.01 -4.78 7.15
N GLN A 127 -25.03 -3.89 7.16
CA GLN A 127 -23.65 -4.19 6.73
C GLN A 127 -22.73 -4.13 7.95
N TYR A 128 -21.88 -5.13 8.14
CA TYR A 128 -20.97 -5.16 9.29
C TYR A 128 -19.86 -4.12 9.19
N GLU A 129 -19.55 -3.51 10.33
CA GLU A 129 -18.28 -2.82 10.54
C GLU A 129 -17.26 -3.78 11.14
N LEU A 130 -15.99 -3.48 10.93
CA LEU A 130 -14.90 -4.23 11.55
C LEU A 130 -14.40 -3.49 12.79
N ILE A 131 -14.29 -4.22 13.89
CA ILE A 131 -13.70 -3.71 15.13
C ILE A 131 -12.35 -4.37 15.29
N LEU A 132 -11.29 -3.57 15.22
CA LEU A 132 -9.94 -4.09 15.11
C LEU A 132 -9.11 -3.76 16.34
N LYS A 133 -8.45 -4.79 16.88
CA LYS A 133 -7.46 -4.62 17.93
C LYS A 133 -6.07 -4.49 17.32
N TRP A 134 -5.35 -3.45 17.73
CA TRP A 134 -3.95 -3.27 17.36
C TRP A 134 -3.08 -3.86 18.46
N ASP A 135 -1.97 -4.47 18.07
CA ASP A 135 -1.07 -5.09 19.03
C ASP A 135 0.30 -4.45 18.93
N PRO A 136 0.83 -3.94 20.07
CA PRO A 136 2.20 -3.43 20.04
C PRO A 136 3.19 -4.58 19.95
N SER A 137 4.36 -4.32 19.36
CA SER A 137 5.33 -5.36 19.08
C SER A 137 5.98 -5.95 20.34
N ASN A 138 5.71 -5.34 21.49
CA ASN A 138 6.19 -5.83 22.79
C ASN A 138 5.09 -6.39 23.69
N SER A 139 3.97 -6.77 23.09
CA SER A 139 2.90 -7.43 23.83
C SER A 139 3.43 -8.70 24.48
N LYS A 140 2.78 -9.11 25.57
CA LYS A 140 3.35 -10.13 26.43
C LYS A 140 2.40 -11.26 26.76
N ASP A 141 2.95 -12.46 26.79
CA ASP A 141 2.25 -13.56 27.43
C ASP A 141 2.26 -13.34 28.94
N ASN A 142 1.27 -13.92 29.62
CA ASN A 142 1.21 -13.75 31.08
C ASN A 142 2.43 -14.29 31.81
N SER A 143 3.14 -15.21 31.19
CA SER A 143 4.33 -15.78 31.82
C SER A 143 5.53 -14.84 31.76
N GLN A 144 5.44 -13.79 30.95
CA GLN A 144 6.60 -12.92 30.66
C GLN A 144 6.46 -11.55 31.29
N ASP A 145 7.50 -11.11 31.99
N ASP A 145 7.53 -11.11 31.96
CA ASP A 145 7.52 -9.75 32.52
CA ASP A 145 7.61 -9.76 32.53
C ASP A 145 7.84 -8.76 31.39
C ASP A 145 7.98 -8.74 31.45
N GLY A 146 7.60 -7.49 31.67
CA GLY A 146 7.95 -6.41 30.74
C GLY A 146 6.83 -5.44 30.49
N TYR A 147 7.19 -4.19 30.23
CA TYR A 147 6.21 -3.16 29.90
C TYR A 147 5.70 -3.36 28.49
N THR A 148 4.45 -3.01 28.28
CA THR A 148 3.84 -3.12 26.96
C THR A 148 3.32 -1.77 26.48
N GLY A 149 3.27 -1.57 25.17
CA GLY A 149 2.60 -0.41 24.61
C GLY A 149 1.10 -0.47 24.82
N ASP A 150 0.43 0.67 24.62
CA ASP A 150 -1.02 0.77 24.76
C ASP A 150 -1.73 -0.13 23.76
N VAL A 151 -2.89 -0.64 24.17
CA VAL A 151 -3.78 -1.38 23.26
C VAL A 151 -4.77 -0.39 22.65
N LEU A 152 -4.89 -0.43 21.33
CA LEU A 152 -5.82 0.45 20.61
C LEU A 152 -6.87 -0.40 19.92
N ILE A 153 -8.11 0.07 19.99
CA ILE A 153 -9.23 -0.61 19.34
C ILE A 153 -9.87 0.40 18.39
N ASP A 154 -9.97 0.05 17.10
CA ASP A 154 -10.58 0.94 16.09
C ASP A 154 -11.86 0.33 15.53
N ALA A 155 -12.73 1.19 15.01
CA ALA A 155 -13.88 0.74 14.21
C ALA A 155 -13.75 1.28 12.81
N TYR A 156 -13.93 0.42 11.82
CA TYR A 156 -13.88 0.78 10.40
C TYR A 156 -15.13 0.33 9.68
N LYS A 157 -15.66 1.20 8.83
CA LYS A 157 -16.63 0.77 7.82
C LYS A 157 -15.88 0.05 6.71
N LEU A 158 -16.59 -0.77 5.94
CA LEU A 158 -15.91 -1.53 4.90
C LEU A 158 -15.29 -0.65 3.81
N ASP A 159 -15.81 0.57 3.64
CA ASP A 159 -15.25 1.53 2.69
C ASP A 159 -13.99 2.24 3.18
N GLY A 160 -13.55 1.90 4.40
CA GLY A 160 -12.31 2.45 4.95
C GLY A 160 -12.52 3.60 5.92
N THR A 161 -13.76 4.06 6.08
CA THR A 161 -14.04 5.13 7.03
C THR A 161 -13.67 4.68 8.45
N LYS A 162 -12.74 5.39 9.05
CA LYS A 162 -12.38 5.12 10.44
C LYS A 162 -13.37 5.86 11.33
N LEU A 163 -14.18 5.12 12.07
CA LEU A 163 -15.20 5.73 12.91
C LEU A 163 -14.67 6.28 14.22
N TRP A 164 -13.70 5.57 14.81
CA TRP A 164 -13.13 5.94 16.10
C TRP A 164 -11.98 5.05 16.50
N ARG A 165 -11.25 5.51 17.52
CA ARG A 165 -10.21 4.73 18.17
C ARG A 165 -10.39 4.89 19.68
N ILE A 166 -10.34 3.76 20.39
CA ILE A 166 -10.27 3.73 21.85
C ILE A 166 -8.85 3.33 22.22
N ASN A 167 -8.26 4.09 23.14
CA ASN A 167 -6.95 3.74 23.69
C ASN A 167 -7.16 3.21 25.11
N LEU A 168 -6.87 1.92 25.33
CA LEU A 168 -7.16 1.33 26.64
C LEU A 168 -6.23 1.85 27.73
N GLY A 169 -5.07 2.37 27.32
CA GLY A 169 -4.21 3.15 28.22
C GLY A 169 -3.24 2.29 29.01
N LYS A 170 -2.43 2.95 29.83
CA LYS A 170 -1.28 2.30 30.46
C LYS A 170 -1.65 1.23 31.47
N ASN A 171 -2.89 1.26 31.96
CA ASN A 171 -3.32 0.32 32.99
C ASN A 171 -3.97 -0.96 32.46
N ILE A 172 -3.94 -1.12 31.13
CA ILE A 172 -4.35 -2.37 30.48
C ILE A 172 -3.16 -2.93 29.72
N ARG A 173 -2.60 -4.03 30.22
CA ARG A 173 -1.44 -4.65 29.61
C ARG A 173 -1.83 -5.25 28.28
N ALA A 174 -0.89 -5.22 27.32
CA ALA A 174 -1.12 -5.82 26.00
C ALA A 174 -0.66 -7.27 25.96
N GLY A 175 -1.48 -8.10 25.34
CA GLY A 175 -1.18 -9.53 25.23
C GLY A 175 -2.45 -10.31 24.98
N ALA A 176 -2.31 -11.53 24.48
CA ALA A 176 -3.43 -12.35 24.04
C ALA A 176 -4.49 -12.54 25.14
N HIS A 177 -4.03 -12.64 26.38
CA HIS A 177 -4.92 -13.06 27.47
C HIS A 177 -5.52 -11.93 28.27
N TYR A 178 -5.20 -10.70 27.86
CA TYR A 178 -5.66 -9.51 28.57
C TYR A 178 -7.01 -9.03 28.00
N THR A 179 -7.00 -8.07 27.08
CA THR A 179 -8.26 -7.55 26.54
C THR A 179 -9.00 -8.58 25.71
N GLN A 180 -10.27 -8.81 26.06
CA GLN A 180 -11.18 -9.70 25.35
C GLN A 180 -12.40 -8.86 25.04
N PHE A 181 -12.60 -8.53 23.76
CA PHE A 181 -13.60 -7.51 23.42
C PHE A 181 -14.84 -8.08 22.77
N MET A 182 -16.00 -7.70 23.29
CA MET A 182 -17.27 -8.21 22.80
C MET A 182 -17.98 -7.15 21.98
N VAL A 183 -18.37 -7.52 20.78
CA VAL A 183 -19.10 -6.62 19.89
C VAL A 183 -20.47 -7.24 19.63
N TYR A 184 -21.52 -6.54 20.02
CA TYR A 184 -22.85 -7.11 19.93
C TYR A 184 -23.90 -6.08 20.22
N ASP A 185 -25.08 -6.26 19.63
CA ASP A 185 -26.22 -5.45 19.99
C ASP A 185 -26.83 -6.00 21.28
N LEU A 186 -26.28 -5.56 22.40
CA LEU A 186 -26.67 -6.07 23.71
C LEU A 186 -28.06 -5.64 24.14
N ASP A 187 -28.45 -4.42 23.78
CA ASP A 187 -29.75 -3.89 24.25
C ASP A 187 -30.91 -4.06 23.26
N GLY A 188 -30.61 -4.49 22.04
CA GLY A 188 -31.65 -4.83 21.07
C GLY A 188 -32.28 -3.68 20.33
N ASP A 189 -31.50 -2.61 20.09
CA ASP A 189 -32.01 -1.47 19.32
C ASP A 189 -31.61 -1.51 17.84
N GLY A 190 -30.88 -2.55 17.46
CA GLY A 190 -30.43 -2.72 16.08
C GLY A 190 -29.00 -2.27 15.79
N LYS A 191 -28.32 -1.75 16.81
N LYS A 191 -28.33 -1.72 16.80
CA LYS A 191 -26.97 -1.22 16.68
CA LYS A 191 -26.95 -1.26 16.65
C LYS A 191 -26.01 -1.88 17.68
C LYS A 191 -26.03 -1.94 17.66
N ALA A 192 -24.85 -2.32 17.20
CA ALA A 192 -23.88 -3.00 18.08
C ALA A 192 -23.19 -2.01 19.00
N GLU A 193 -22.90 -2.48 20.22
CA GLU A 193 -21.97 -1.79 21.10
C GLU A 193 -20.72 -2.64 21.32
N VAL A 194 -19.73 -2.07 21.99
CA VAL A 194 -18.46 -2.76 22.23
C VAL A 194 -18.21 -2.76 23.73
N ALA A 195 -18.00 -3.93 24.31
CA ALA A 195 -17.80 -4.06 25.76
C ALA A 195 -16.47 -4.74 26.05
N MET A 196 -15.73 -4.22 27.02
N MET A 196 -15.73 -4.20 27.01
CA MET A 196 -14.45 -4.78 27.41
CA MET A 196 -14.46 -4.80 27.42
C MET A 196 -13.97 -4.22 28.73
C MET A 196 -14.05 -4.28 28.79
N LYS A 197 -13.03 -4.92 29.35
CA LYS A 197 -12.40 -4.48 30.59
C LYS A 197 -11.57 -3.23 30.30
N THR A 198 -11.71 -2.24 31.17
CA THR A 198 -11.05 -0.94 31.02
C THR A 198 -10.43 -0.56 32.38
N ALA A 199 -9.78 0.59 32.43
CA ALA A 199 -9.07 1.00 33.64
C ALA A 199 -9.01 2.52 33.71
N ASP A 200 -8.51 3.03 34.83
CA ASP A 200 -8.16 4.45 34.88
C ASP A 200 -7.25 4.73 33.69
N GLY A 201 -7.55 5.80 32.96
CA GLY A 201 -6.70 6.17 31.84
C GLY A 201 -7.17 5.64 30.49
N THR A 202 -8.15 4.75 30.48
CA THR A 202 -8.74 4.34 29.21
C THR A 202 -9.39 5.57 28.59
N LYS A 203 -9.12 5.80 27.31
N LYS A 203 -9.13 5.81 27.32
CA LYS A 203 -9.63 6.96 26.60
CA LYS A 203 -9.65 6.99 26.64
C LYS A 203 -10.66 6.48 25.58
C LYS A 203 -10.63 6.54 25.56
N ASP A 204 -11.88 7.01 25.68
CA ASP A 204 -12.94 6.61 24.78
C ASP A 204 -12.78 7.24 23.40
N GLY A 205 -13.66 6.87 22.48
CA GLY A 205 -13.54 7.30 21.09
C GLY A 205 -13.71 8.80 20.88
N THR A 206 -14.26 9.49 21.89
CA THR A 206 -14.42 10.95 21.84
C THR A 206 -13.28 11.66 22.54
N GLY A 207 -12.32 10.91 23.05
CA GLY A 207 -11.17 11.51 23.74
C GLY A 207 -11.37 11.76 25.22
N LYS A 208 -12.44 11.18 25.79
N LYS A 208 -12.45 11.21 25.79
CA LYS A 208 -12.70 11.31 27.23
CA LYS A 208 -12.70 11.31 27.22
C LYS A 208 -12.08 10.16 28.01
C LYS A 208 -11.98 10.17 27.93
N VAL A 209 -11.26 10.51 28.99
CA VAL A 209 -10.54 9.53 29.78
C VAL A 209 -11.40 9.06 30.95
N ILE A 210 -11.44 7.76 31.14
CA ILE A 210 -12.24 7.14 32.20
C ILE A 210 -11.47 7.13 33.52
N GLY A 211 -12.20 7.38 34.61
CA GLY A 211 -11.63 7.25 35.96
C GLY A 211 -10.62 8.32 36.28
N ASN A 212 -9.56 7.94 36.98
N ASN A 212 -9.56 7.93 36.98
CA ASN A 212 -8.51 8.88 37.34
CA ASN A 212 -8.47 8.82 37.33
C ASN A 212 -7.46 8.93 36.24
C ASN A 212 -7.50 8.88 36.17
N ALA A 213 -7.52 9.99 35.44
CA ALA A 213 -6.83 10.08 34.17
C ALA A 213 -5.35 9.74 34.21
N ASN A 214 -4.70 10.12 35.31
CA ASN A 214 -3.25 10.04 35.41
C ASN A 214 -2.72 8.90 36.27
N ALA A 215 -3.61 8.13 36.89
CA ALA A 215 -3.19 7.03 37.76
C ALA A 215 -2.36 6.03 36.98
N ASP A 216 -1.27 5.57 37.58
CA ASP A 216 -0.38 4.62 36.93
C ASP A 216 -0.19 3.45 37.88
N TYR A 217 -0.84 2.33 37.56
CA TYR A 217 -0.74 1.13 38.38
C TYR A 217 0.20 0.07 37.80
N ARG A 218 1.01 0.44 36.82
CA ARG A 218 2.02 -0.49 36.30
C ARG A 218 3.09 -0.70 37.35
N ASN A 219 3.33 -1.96 37.71
CA ASN A 219 4.44 -2.25 38.60
C ASN A 219 5.72 -2.38 37.79
N GLU A 220 6.82 -2.65 38.49
CA GLU A 220 8.13 -2.70 37.84
C GLU A 220 8.28 -3.90 36.87
N GLN A 221 7.37 -4.87 36.99
CA GLN A 221 7.28 -5.99 36.04
C GLN A 221 6.53 -5.60 34.77
N GLY A 222 6.02 -4.37 34.72
CA GLY A 222 5.17 -3.93 33.60
C GLY A 222 3.81 -4.60 33.64
N ARG A 223 3.42 -5.12 34.81
CA ARG A 223 2.10 -5.69 35.02
C ARG A 223 1.21 -4.76 35.83
N VAL A 224 -0.10 -4.88 35.67
CA VAL A 224 -1.01 -4.01 36.41
C VAL A 224 -1.78 -4.89 37.37
N LEU A 225 -1.32 -4.91 38.61
CA LEU A 225 -1.75 -5.89 39.61
C LEU A 225 -2.39 -5.25 40.83
N SER A 226 -2.71 -3.97 40.70
CA SER A 226 -3.37 -3.20 41.74
C SER A 226 -4.18 -2.09 41.08
N GLY A 227 -4.97 -1.40 41.91
CA GLY A 227 -5.80 -0.31 41.41
C GLY A 227 -7.17 -0.79 40.97
N PRO A 228 -8.09 0.16 40.73
CA PRO A 228 -9.41 -0.21 40.26
C PRO A 228 -9.39 -0.91 38.89
N GLU A 229 -10.42 -1.70 38.65
CA GLU A 229 -10.64 -2.33 37.36
C GLU A 229 -12.09 -2.08 36.95
N TYR A 230 -12.32 -1.76 35.67
CA TYR A 230 -13.66 -1.40 35.21
C TYR A 230 -14.12 -2.28 34.06
N LEU A 231 -15.44 -2.29 33.88
CA LEU A 231 -16.10 -2.87 32.72
C LEU A 231 -16.87 -1.75 32.07
N THR A 232 -16.62 -1.52 30.78
CA THR A 232 -17.25 -0.44 30.03
C THR A 232 -17.98 -0.96 28.81
N VAL A 233 -19.18 -0.42 28.61
CA VAL A 233 -19.90 -0.58 27.35
C VAL A 233 -19.75 0.73 26.59
N PHE A 234 -19.24 0.64 25.36
CA PHE A 234 -19.01 1.79 24.49
C PHE A 234 -20.02 1.77 23.34
N GLN A 235 -20.47 2.95 22.92
CA GLN A 235 -21.34 3.10 21.76
C GLN A 235 -20.61 2.65 20.50
N GLY A 236 -21.25 1.78 19.72
CA GLY A 236 -20.60 1.19 18.57
C GLY A 236 -20.25 2.20 17.49
N SER A 237 -21.10 3.21 17.31
CA SER A 237 -20.91 4.15 16.21
C SER A 237 -19.83 5.21 16.47
N THR A 238 -19.54 5.49 17.74
CA THR A 238 -18.71 6.62 18.14
C THR A 238 -17.58 6.24 19.09
N GLY A 239 -17.69 5.06 19.69
CA GLY A 239 -16.72 4.64 20.71
C GLY A 239 -16.85 5.42 22.01
N LYS A 240 -17.96 6.15 22.15
N LYS A 240 -17.96 6.13 22.17
CA LYS A 240 -18.24 6.90 23.39
CA LYS A 240 -18.23 6.91 23.38
C LYS A 240 -18.55 5.95 24.53
C LYS A 240 -18.63 6.01 24.55
N GLU A 241 -18.06 6.27 25.72
CA GLU A 241 -18.46 5.55 26.93
C GLU A 241 -19.96 5.70 27.16
N LEU A 242 -20.67 4.58 27.29
CA LEU A 242 -22.08 4.61 27.67
C LEU A 242 -22.23 4.41 29.17
N VAL A 243 -21.61 3.35 29.67
N VAL A 243 -21.63 3.33 29.69
CA VAL A 243 -21.64 3.07 31.10
CA VAL A 243 -21.73 2.98 31.12
C VAL A 243 -20.35 2.35 31.47
C VAL A 243 -20.47 2.23 31.55
N THR A 244 -19.91 2.59 32.71
CA THR A 244 -18.76 1.92 33.30
C THR A 244 -19.08 1.51 34.73
N ALA A 245 -18.78 0.26 35.06
CA ALA A 245 -18.96 -0.28 36.41
C ALA A 245 -17.63 -0.84 36.88
N ASN A 246 -17.51 -1.14 38.17
CA ASN A 246 -16.36 -1.89 38.64
C ASN A 246 -16.37 -3.27 37.99
N PHE A 247 -15.21 -3.73 37.56
CA PHE A 247 -15.12 -5.00 36.87
C PHE A 247 -15.28 -6.18 37.82
N GLU A 248 -16.12 -7.14 37.42
N GLU A 248 -16.12 -7.14 37.42
CA GLU A 248 -16.19 -8.45 38.05
CA GLU A 248 -16.13 -8.45 38.06
C GLU A 248 -15.97 -9.51 36.96
C GLU A 248 -15.97 -9.51 36.98
N PRO A 249 -15.23 -10.59 37.28
CA PRO A 249 -14.59 -10.93 38.57
C PRO A 249 -13.51 -9.97 39.05
N ALA A 250 -13.69 -9.46 40.27
CA ALA A 250 -12.70 -8.59 40.90
C ALA A 250 -11.40 -9.33 41.15
N ARG A 251 -10.30 -8.59 41.18
CA ARG A 251 -8.98 -9.15 41.40
C ARG A 251 -8.80 -9.83 42.76
N GLY A 252 -9.24 -9.18 43.83
CA GLY A 252 -8.89 -9.63 45.18
C GLY A 252 -7.38 -9.63 45.30
N ASN A 253 -6.82 -10.70 45.88
CA ASN A 253 -5.37 -10.83 45.99
C ASN A 253 -4.86 -11.58 44.77
N VAL A 254 -3.76 -11.10 44.20
CA VAL A 254 -3.09 -11.80 43.10
C VAL A 254 -2.89 -13.28 43.42
N SER A 255 -2.42 -13.57 44.64
CA SER A 255 -2.12 -14.94 45.03
C SER A 255 -3.34 -15.85 45.15
N ASP A 256 -4.55 -15.27 45.20
CA ASP A 256 -5.79 -16.06 45.22
C ASP A 256 -5.90 -16.97 43.99
N TRP A 257 -5.26 -16.56 42.90
CA TRP A 257 -5.43 -17.20 41.61
C TRP A 257 -4.41 -18.30 41.31
N GLY A 258 -3.41 -18.44 42.16
CA GLY A 258 -2.49 -19.59 42.04
C GLY A 258 -1.03 -19.27 41.81
N ASP A 259 -0.70 -17.98 41.65
CA ASP A 259 0.70 -17.54 41.69
C ASP A 259 0.75 -16.11 42.22
N SER A 260 1.95 -15.65 42.57
CA SER A 260 2.12 -14.29 43.09
C SER A 260 2.84 -13.36 42.11
N TYR A 261 3.28 -13.90 40.97
CA TYR A 261 4.02 -13.06 40.03
C TYR A 261 3.13 -12.40 38.98
N GLY A 262 1.84 -12.77 38.97
CA GLY A 262 0.83 -12.08 38.15
C GLY A 262 0.41 -12.77 36.85
N ASN A 263 0.52 -14.09 36.79
CA ASN A 263 0.14 -14.84 35.60
C ASN A 263 -1.35 -15.23 35.65
N ARG A 264 -1.68 -16.10 36.58
CA ARG A 264 -3.01 -16.72 36.64
C ARG A 264 -4.15 -15.72 36.84
N VAL A 265 -3.89 -14.68 37.63
CA VAL A 265 -4.87 -13.64 37.95
C VAL A 265 -5.43 -12.97 36.70
N ASP A 266 -4.60 -12.86 35.67
CA ASP A 266 -4.93 -12.05 34.50
C ASP A 266 -5.26 -12.91 33.28
N ARG A 267 -5.88 -14.06 33.52
CA ARG A 267 -6.29 -14.96 32.45
C ARG A 267 -7.77 -14.74 32.16
N PHE A 268 -8.05 -13.93 31.15
CA PHE A 268 -9.42 -13.51 30.86
C PHE A 268 -10.01 -14.18 29.64
N LEU A 269 -11.32 -14.41 29.70
CA LEU A 269 -12.12 -14.79 28.54
C LEU A 269 -13.41 -13.98 28.59
N ALA A 270 -14.18 -14.02 27.53
CA ALA A 270 -15.46 -13.29 27.47
C ALA A 270 -16.34 -13.92 26.40
N GLY A 271 -17.64 -13.63 26.45
CA GLY A 271 -18.55 -14.13 25.44
C GLY A 271 -19.88 -13.42 25.47
N ILE A 272 -20.67 -13.71 24.44
CA ILE A 272 -22.08 -13.34 24.40
C ILE A 272 -22.88 -14.62 24.50
N ALA A 273 -23.88 -14.62 25.39
CA ALA A 273 -24.70 -15.80 25.63
C ALA A 273 -26.15 -15.39 25.82
N TYR A 274 -27.06 -16.10 25.17
CA TYR A 274 -28.51 -15.84 25.37
C TYR A 274 -29.00 -16.62 26.59
N LEU A 275 -28.65 -16.11 27.78
CA LEU A 275 -28.95 -16.80 29.04
C LEU A 275 -30.45 -16.92 29.31
N ASP A 276 -31.22 -15.97 28.79
CA ASP A 276 -32.68 -16.01 28.95
C ASP A 276 -33.40 -16.63 27.75
N GLY A 277 -32.63 -17.10 26.76
CA GLY A 277 -33.20 -17.78 25.59
C GLY A 277 -33.76 -16.89 24.49
N GLN A 278 -33.70 -15.58 24.71
N GLN A 278 -33.72 -15.58 24.70
CA GLN A 278 -34.31 -14.61 23.80
CA GLN A 278 -34.27 -14.63 23.73
C GLN A 278 -33.37 -13.47 23.42
C GLN A 278 -33.31 -13.49 23.39
N ARG A 279 -32.66 -12.94 24.41
CA ARG A 279 -31.81 -11.76 24.22
C ARG A 279 -30.40 -12.02 24.71
N PRO A 280 -29.41 -11.30 24.16
CA PRO A 280 -28.00 -11.52 24.56
C PRO A 280 -27.64 -11.01 25.96
N SER A 281 -26.72 -11.73 26.62
CA SER A 281 -26.05 -11.29 27.84
C SER A 281 -24.56 -11.32 27.59
N LEU A 282 -23.82 -10.62 28.46
CA LEU A 282 -22.39 -10.51 28.36
C LEU A 282 -21.75 -11.35 29.45
N ILE A 283 -20.77 -12.18 29.07
N ILE A 283 -20.81 -12.20 29.06
CA ILE A 283 -20.05 -13.04 30.01
CA ILE A 283 -20.03 -13.00 30.00
C ILE A 283 -18.58 -12.60 30.12
C ILE A 283 -18.61 -12.43 30.10
N MET A 284 -18.15 -12.26 31.34
N MET A 284 -18.15 -12.27 31.34
CA MET A 284 -16.73 -11.94 31.58
CA MET A 284 -16.75 -11.97 31.61
C MET A 284 -16.16 -12.96 32.57
C MET A 284 -16.24 -13.08 32.52
N THR A 285 -15.04 -13.60 32.21
CA THR A 285 -14.44 -14.63 33.05
C THR A 285 -13.03 -14.26 33.45
N ARG A 286 -12.57 -14.87 34.53
CA ARG A 286 -11.22 -14.64 35.06
C ARG A 286 -10.70 -15.91 35.66
N GLY A 287 -9.47 -16.28 35.29
CA GLY A 287 -8.82 -17.48 35.79
C GLY A 287 -9.21 -18.73 35.02
N TYR A 288 -8.30 -19.69 35.00
CA TYR A 288 -8.65 -21.04 34.62
C TYR A 288 -7.70 -22.12 35.12
N TYR A 289 -6.44 -21.77 35.39
CA TYR A 289 -5.50 -22.80 35.87
C TYR A 289 -5.84 -23.31 37.25
N ALA A 290 -6.34 -22.43 38.11
CA ALA A 290 -6.78 -22.80 39.45
C ALA A 290 -8.10 -22.08 39.71
N LYS A 291 -8.13 -21.13 40.64
CA LYS A 291 -9.36 -20.38 40.88
C LYS A 291 -9.95 -19.85 39.57
N THR A 292 -11.25 -20.01 39.41
CA THR A 292 -11.94 -19.64 38.19
C THR A 292 -13.23 -18.93 38.55
N MET A 293 -13.49 -17.79 37.92
CA MET A 293 -14.76 -17.08 38.11
C MET A 293 -15.39 -16.68 36.79
N LEU A 294 -16.72 -16.72 36.77
CA LEU A 294 -17.48 -16.24 35.60
C LEU A 294 -18.58 -15.35 36.10
N VAL A 295 -18.81 -14.23 35.39
N VAL A 295 -18.80 -14.25 35.40
CA VAL A 295 -19.85 -13.25 35.77
CA VAL A 295 -19.89 -13.35 35.72
C VAL A 295 -20.65 -12.83 34.53
C VAL A 295 -20.68 -13.05 34.46
N ALA A 296 -21.98 -12.85 34.66
CA ALA A 296 -22.88 -12.52 33.56
C ALA A 296 -23.50 -11.15 33.82
N TYR A 297 -23.65 -10.38 32.75
CA TYR A 297 -24.26 -9.05 32.77
C TYR A 297 -25.28 -8.89 31.66
N ASN A 298 -26.25 -8.01 31.89
CA ASN A 298 -27.08 -7.48 30.82
C ASN A 298 -26.77 -6.01 30.60
N PHE A 299 -26.91 -5.56 29.36
CA PHE A 299 -26.93 -4.14 29.05
C PHE A 299 -28.22 -3.89 28.29
N ARG A 300 -29.19 -3.31 28.99
CA ARG A 300 -30.55 -3.14 28.48
C ARG A 300 -31.13 -1.90 29.14
N ASP A 301 -31.97 -1.19 28.39
CA ASP A 301 -32.64 0.01 28.92
C ASP A 301 -31.61 1.02 29.45
N GLY A 302 -30.46 1.08 28.79
CA GLY A 302 -29.39 2.01 29.13
C GLY A 302 -28.56 1.68 30.36
N LYS A 303 -28.80 0.51 30.95
N LYS A 303 -28.81 0.53 30.98
CA LYS A 303 -28.20 0.12 32.23
CA LYS A 303 -28.12 0.17 32.22
C LYS A 303 -27.42 -1.20 32.14
C LYS A 303 -27.43 -1.18 32.17
N LEU A 304 -26.28 -1.24 32.83
CA LEU A 304 -25.53 -2.48 33.01
C LEU A 304 -26.03 -3.09 34.31
N SER A 305 -26.34 -4.39 34.27
N SER A 305 -26.32 -4.40 34.27
CA SER A 305 -26.79 -5.10 35.47
CA SER A 305 -26.78 -5.12 35.44
C SER A 305 -26.10 -6.46 35.59
C SER A 305 -26.02 -6.42 35.57
N LYS A 306 -25.67 -6.80 36.80
CA LYS A 306 -25.00 -8.07 37.05
C LYS A 306 -26.07 -9.13 37.29
N LEU A 307 -25.93 -10.28 36.61
CA LEU A 307 -26.94 -11.34 36.68
C LEU A 307 -26.59 -12.48 37.64
N TRP A 308 -25.37 -12.98 37.54
CA TRP A 308 -24.90 -14.06 38.42
C TRP A 308 -23.39 -14.14 38.42
N THR A 309 -22.87 -14.89 39.39
CA THR A 309 -21.45 -15.16 39.54
C THR A 309 -21.28 -16.64 39.81
N LEU A 310 -20.30 -17.26 39.15
CA LEU A 310 -19.82 -18.57 39.55
C LEU A 310 -18.37 -18.40 40.01
N ASP A 311 -18.08 -18.87 41.21
CA ASP A 311 -16.77 -18.69 41.83
C ASP A 311 -16.31 -20.04 42.38
N SER A 312 -15.26 -20.62 41.79
CA SER A 312 -14.78 -21.94 42.21
C SER A 312 -14.31 -21.98 43.65
N SER A 313 -13.96 -20.81 44.20
CA SER A 313 -13.47 -20.72 45.59
C SER A 313 -14.59 -20.81 46.63
N LYS A 314 -15.83 -20.81 46.17
N LYS A 314 -15.84 -20.77 46.19
CA LYS A 314 -16.98 -21.00 47.06
CA LYS A 314 -16.97 -20.81 47.11
C LYS A 314 -17.17 -22.46 47.41
C LYS A 314 -17.42 -22.24 47.37
N SER A 315 -17.51 -22.71 48.67
N SER A 315 -17.66 -22.54 48.64
CA SER A 315 -17.74 -24.07 49.13
CA SER A 315 -17.98 -23.90 49.07
C SER A 315 -18.82 -24.73 48.28
C SER A 315 -18.85 -24.62 48.04
N GLY A 316 -18.45 -25.83 47.65
CA GLY A 316 -19.29 -26.61 46.76
C GLY A 316 -18.87 -26.52 45.31
N ASN A 317 -18.10 -25.47 44.97
CA ASN A 317 -17.70 -25.23 43.57
C ASN A 317 -16.27 -25.64 43.22
N GLU A 318 -15.64 -26.41 44.10
CA GLU A 318 -14.22 -26.77 43.96
C GLU A 318 -13.88 -27.47 42.64
N ALA A 319 -14.83 -28.24 42.09
CA ALA A 319 -14.59 -29.00 40.88
C ALA A 319 -14.47 -28.10 39.67
N PHE A 320 -14.88 -26.84 39.82
CA PHE A 320 -14.92 -25.91 38.70
C PHE A 320 -13.68 -25.03 38.60
N ALA A 321 -12.65 -25.45 39.33
CA ALA A 321 -11.33 -24.85 39.26
C ALA A 321 -10.43 -25.71 38.36
N GLY A 322 -9.49 -25.07 37.67
CA GLY A 322 -8.46 -25.80 36.94
C GLY A 322 -8.88 -26.45 35.62
N GLN A 323 -10.02 -26.05 35.07
CA GLN A 323 -10.58 -26.76 33.92
C GLN A 323 -10.60 -25.97 32.63
N GLY A 324 -10.47 -24.65 32.72
CA GLY A 324 -10.66 -23.79 31.55
C GLY A 324 -9.55 -23.84 30.52
N ASN A 325 -9.94 -23.55 29.29
CA ASN A 325 -9.02 -23.39 28.17
C ASN A 325 -8.65 -21.93 27.95
N HIS A 326 -7.72 -21.68 27.02
CA HIS A 326 -7.52 -20.32 26.48
C HIS A 326 -8.62 -19.95 25.46
N ASN A 327 -9.83 -20.47 25.66
CA ASN A 327 -10.96 -20.23 24.78
C ASN A 327 -12.19 -20.85 25.45
N LEU A 328 -13.37 -20.54 24.92
CA LEU A 328 -14.62 -21.13 25.42
C LEU A 328 -15.57 -21.27 24.24
N SER A 329 -16.68 -21.97 24.47
CA SER A 329 -17.77 -22.00 23.50
C SER A 329 -19.07 -21.66 24.19
N ILE A 330 -20.06 -21.25 23.39
N ILE A 330 -20.07 -21.26 23.41
CA ILE A 330 -21.38 -20.89 23.88
CA ILE A 330 -21.38 -20.95 23.96
C ILE A 330 -22.43 -21.60 23.02
C ILE A 330 -22.47 -21.52 23.06
N ALA A 331 -23.34 -22.34 23.65
CA ALA A 331 -24.37 -23.04 22.89
C ALA A 331 -25.48 -23.51 23.80
N ASP A 332 -26.66 -23.68 23.24
CA ASP A 332 -27.75 -24.35 23.94
C ASP A 332 -27.49 -25.85 23.83
N VAL A 333 -26.95 -26.42 24.90
CA VAL A 333 -26.53 -27.83 24.88
C VAL A 333 -27.61 -28.74 25.46
N ASP A 334 -28.50 -28.20 26.27
CA ASP A 334 -29.49 -29.03 26.97
C ASP A 334 -30.91 -28.94 26.40
N GLY A 335 -31.09 -28.08 25.38
CA GLY A 335 -32.35 -27.98 24.65
C GLY A 335 -33.44 -27.10 25.25
N ASP A 336 -33.10 -26.33 26.30
CA ASP A 336 -34.07 -25.43 26.95
C ASP A 336 -34.21 -24.05 26.27
N GLY A 337 -33.51 -23.85 25.14
CA GLY A 337 -33.54 -22.58 24.40
C GLY A 337 -32.49 -21.57 24.86
N LYS A 338 -31.94 -21.80 26.05
CA LYS A 338 -31.02 -20.87 26.69
C LYS A 338 -29.59 -21.36 26.47
N ASP A 339 -28.64 -20.43 26.41
CA ASP A 339 -27.24 -20.80 26.20
C ASP A 339 -26.51 -21.19 27.47
N GLU A 340 -25.72 -22.25 27.32
CA GLU A 340 -24.78 -22.67 28.33
C GLU A 340 -23.36 -22.31 27.85
N ILE A 341 -22.41 -22.41 28.77
CA ILE A 341 -21.03 -22.02 28.51
C ILE A 341 -20.14 -23.27 28.62
N ILE A 342 -19.42 -23.57 27.53
CA ILE A 342 -18.45 -24.65 27.51
C ILE A 342 -17.10 -24.02 27.80
N PHE A 343 -16.62 -24.26 29.03
CA PHE A 343 -15.44 -23.59 29.57
C PHE A 343 -14.34 -24.63 29.69
N GLY A 344 -13.74 -24.98 28.57
CA GLY A 344 -12.72 -26.03 28.54
C GLY A 344 -13.30 -27.36 28.95
N SER A 345 -12.80 -27.90 30.07
CA SER A 345 -13.21 -29.20 30.54
C SER A 345 -14.45 -29.16 31.42
N MET A 346 -14.97 -27.97 31.67
CA MET A 346 -16.18 -27.84 32.47
C MET A 346 -17.27 -27.09 31.69
N ALA A 347 -18.48 -27.07 32.25
CA ALA A 347 -19.59 -26.35 31.63
C ALA A 347 -20.37 -25.65 32.71
N VAL A 348 -20.94 -24.50 32.34
CA VAL A 348 -21.69 -23.64 33.25
C VAL A 348 -23.06 -23.42 32.64
N ASP A 349 -24.10 -23.60 33.46
CA ASP A 349 -25.47 -23.47 33.00
C ASP A 349 -25.87 -22.00 32.80
N HIS A 350 -27.01 -21.81 32.15
CA HIS A 350 -27.49 -20.47 31.80
C HIS A 350 -27.75 -19.59 33.03
N ASP A 351 -27.87 -20.22 34.20
CA ASP A 351 -28.14 -19.51 35.46
C ASP A 351 -26.88 -19.37 36.32
N GLY A 352 -25.74 -19.72 35.74
CA GLY A 352 -24.47 -19.63 36.46
C GLY A 352 -24.05 -20.81 37.31
N LYS A 353 -24.84 -21.87 37.30
CA LYS A 353 -24.52 -23.04 38.10
C LYS A 353 -23.57 -23.95 37.34
N GLY A 354 -22.53 -24.43 38.03
CA GLY A 354 -21.63 -25.41 37.41
C GLY A 354 -22.43 -26.65 37.04
N MET A 355 -22.23 -27.15 35.81
N MET A 355 -22.25 -27.14 35.81
CA MET A 355 -22.94 -28.33 35.30
CA MET A 355 -22.94 -28.35 35.37
C MET A 355 -22.17 -29.63 35.49
C MET A 355 -22.11 -29.59 35.62
N TYR A 356 -20.90 -29.61 35.05
CA TYR A 356 -20.01 -30.76 35.17
C TYR A 356 -18.57 -30.32 34.96
N SER A 357 -17.66 -31.21 35.33
CA SER A 357 -16.25 -31.10 34.98
C SER A 357 -15.78 -32.47 34.57
N THR A 358 -15.10 -32.57 33.44
CA THR A 358 -14.52 -33.86 33.05
C THR A 358 -13.27 -34.17 33.88
N GLY A 359 -12.74 -33.16 34.57
CA GLY A 359 -11.53 -33.31 35.37
C GLY A 359 -10.25 -33.39 34.57
N LEU A 360 -10.35 -33.24 33.25
CA LEU A 360 -9.18 -33.40 32.39
C LEU A 360 -8.30 -32.17 32.30
N GLY A 361 -8.78 -31.07 32.86
CA GLY A 361 -7.97 -29.87 33.00
C GLY A 361 -7.81 -29.01 31.76
N HIS A 362 -6.92 -28.04 31.89
CA HIS A 362 -6.68 -27.00 30.89
C HIS A 362 -6.19 -27.53 29.54
N GLY A 363 -6.65 -26.90 28.47
CA GLY A 363 -6.16 -27.16 27.13
C GLY A 363 -6.18 -25.92 26.26
N ASP A 364 -5.73 -26.10 25.01
CA ASP A 364 -5.47 -24.96 24.13
C ASP A 364 -6.42 -24.83 22.94
N ALA A 365 -7.23 -25.85 22.69
CA ALA A 365 -8.16 -25.82 21.56
C ALA A 365 -9.45 -26.50 21.98
N LEU A 366 -10.55 -26.13 21.31
CA LEU A 366 -11.89 -26.50 21.75
C LEU A 366 -12.87 -26.34 20.60
N HIS A 367 -13.75 -27.33 20.41
CA HIS A 367 -14.73 -27.33 19.32
C HIS A 367 -16.06 -27.83 19.83
N THR A 368 -17.07 -26.96 19.78
CA THR A 368 -18.42 -27.33 20.22
C THR A 368 -19.36 -27.16 19.04
N GLY A 369 -19.99 -28.26 18.63
CA GLY A 369 -20.92 -28.19 17.52
C GLY A 369 -21.62 -29.51 17.41
N ASP A 370 -22.33 -29.73 16.30
CA ASP A 370 -22.88 -31.05 16.08
C ASP A 370 -21.81 -31.86 15.35
N LEU A 371 -20.93 -32.47 16.13
CA LEU A 371 -19.80 -33.19 15.58
C LEU A 371 -20.22 -34.59 15.14
N ASP A 372 -21.10 -35.21 15.92
CA ASP A 372 -21.65 -36.52 15.61
C ASP A 372 -23.14 -36.37 15.37
N PRO A 373 -23.57 -36.23 14.10
CA PRO A 373 -24.98 -36.01 13.78
C PRO A 373 -25.85 -37.25 14.00
N GLY A 374 -25.22 -38.39 14.26
CA GLY A 374 -25.96 -39.62 14.57
C GLY A 374 -26.29 -39.76 16.05
N ARG A 375 -25.75 -38.84 16.85
CA ARG A 375 -25.95 -38.88 18.30
C ARG A 375 -26.68 -37.59 18.70
N PRO A 376 -27.91 -37.70 19.22
CA PRO A 376 -28.63 -36.49 19.63
C PRO A 376 -27.83 -35.63 20.61
N GLY A 377 -27.85 -34.32 20.35
CA GLY A 377 -27.16 -33.34 21.17
C GLY A 377 -25.91 -32.83 20.47
N LEU A 378 -25.25 -31.87 21.12
CA LEU A 378 -23.96 -31.38 20.63
C LEU A 378 -22.84 -32.17 21.28
N GLU A 379 -21.66 -32.04 20.68
CA GLU A 379 -20.48 -32.71 21.17
C GLU A 379 -19.36 -31.69 21.32
N VAL A 380 -18.41 -31.98 22.22
CA VAL A 380 -17.25 -31.11 22.43
C VAL A 380 -15.98 -31.92 22.22
N PHE A 381 -15.14 -31.45 21.31
CA PHE A 381 -13.83 -32.02 21.12
C PHE A 381 -12.82 -31.06 21.71
N GLN A 382 -11.92 -31.58 22.54
CA GLN A 382 -10.99 -30.76 23.31
C GLN A 382 -9.67 -31.47 23.39
N VAL A 383 -8.58 -30.69 23.43
CA VAL A 383 -7.26 -31.25 23.71
C VAL A 383 -6.80 -30.74 25.06
N HIS A 384 -5.81 -31.44 25.63
CA HIS A 384 -5.39 -31.22 27.00
C HIS A 384 -3.87 -31.04 27.12
N GLU A 385 -3.49 -30.13 28.01
CA GLU A 385 -2.10 -29.71 28.15
C GLU A 385 -1.30 -30.52 29.16
N ASP A 386 -1.97 -31.10 30.15
N ASP A 386 -1.97 -31.10 30.15
CA ASP A 386 -1.30 -31.86 31.20
CA ASP A 386 -1.31 -31.87 31.19
C ASP A 386 -0.85 -33.20 30.63
C ASP A 386 -0.84 -33.21 30.61
N LYS A 387 0.47 -33.44 30.65
CA LYS A 387 1.06 -34.69 30.14
C LYS A 387 0.55 -35.93 30.90
N ASN A 388 0.03 -35.71 32.10
CA ASN A 388 -0.46 -36.80 32.94
C ASN A 388 -1.99 -36.93 32.92
N ALA A 389 -2.66 -36.14 32.09
CA ALA A 389 -4.10 -36.27 31.92
C ALA A 389 -4.44 -37.64 31.37
N LYS A 390 -5.57 -38.19 31.83
CA LYS A 390 -6.09 -39.47 31.38
C LYS A 390 -6.24 -39.50 29.84
N TYR A 391 -6.61 -38.36 29.26
CA TYR A 391 -6.72 -38.23 27.81
C TYR A 391 -6.02 -36.96 27.37
N GLY A 392 -5.30 -37.04 26.25
CA GLY A 392 -4.78 -35.84 25.58
C GLY A 392 -5.81 -35.24 24.65
N LEU A 393 -6.78 -36.05 24.23
CA LEU A 393 -7.88 -35.55 23.43
C LEU A 393 -9.15 -36.21 23.92
N SER A 394 -10.20 -35.40 24.08
CA SER A 394 -11.46 -35.93 24.59
C SER A 394 -12.62 -35.49 23.71
N PHE A 395 -13.58 -36.39 23.57
CA PHE A 395 -14.75 -36.16 22.73
C PHE A 395 -15.95 -36.51 23.62
N ARG A 396 -16.78 -35.52 23.91
CA ARG A 396 -17.77 -35.69 24.97
C ARG A 396 -19.16 -35.18 24.63
N ASP A 397 -20.13 -35.69 25.38
CA ASP A 397 -21.49 -35.17 25.38
C ASP A 397 -21.45 -33.73 25.90
N ALA A 398 -21.86 -32.77 25.08
CA ALA A 398 -21.75 -31.35 25.49
C ALA A 398 -22.53 -31.01 26.75
N ALA A 399 -23.68 -31.67 26.92
CA ALA A 399 -24.63 -31.36 28.00
C ALA A 399 -24.30 -32.04 29.32
N THR A 400 -23.87 -33.30 29.26
CA THR A 400 -23.67 -34.09 30.47
C THR A 400 -22.21 -34.20 30.85
N GLY A 401 -21.34 -33.98 29.87
CA GLY A 401 -19.91 -34.11 30.08
C GLY A 401 -19.37 -35.53 29.99
N LYS A 402 -20.25 -36.51 29.77
N LYS A 402 -20.25 -36.50 29.76
CA LYS A 402 -19.81 -37.89 29.65
CA LYS A 402 -19.85 -37.89 29.59
C LYS A 402 -18.85 -38.03 28.47
C LYS A 402 -18.84 -38.02 28.44
N ILE A 403 -17.72 -38.68 28.72
CA ILE A 403 -16.72 -38.94 27.69
C ILE A 403 -17.29 -40.02 26.76
N LEU A 404 -17.42 -39.68 25.50
CA LEU A 404 -17.83 -40.63 24.48
C LEU A 404 -16.63 -41.48 24.03
N TRP A 405 -15.51 -40.81 23.84
CA TRP A 405 -14.22 -41.48 23.64
C TRP A 405 -13.10 -40.50 23.91
N GLY A 406 -11.93 -41.04 24.24
CA GLY A 406 -10.77 -40.21 24.46
C GLY A 406 -9.54 -41.04 24.16
N VAL A 407 -8.42 -40.36 23.94
CA VAL A 407 -7.15 -41.04 23.69
C VAL A 407 -6.05 -40.45 24.58
N TYR A 408 -5.38 -41.32 25.34
CA TYR A 408 -4.25 -40.92 26.17
C TYR A 408 -3.07 -40.53 25.30
N ALA A 409 -2.44 -39.40 25.62
CA ALA A 409 -1.27 -38.95 24.87
C ALA A 409 0.04 -39.06 25.66
N GLY A 410 -0.02 -38.80 26.96
CA GLY A 410 1.20 -38.79 27.77
C GLY A 410 2.08 -37.58 27.48
N LYS A 411 1.51 -36.58 26.84
N LYS A 411 1.49 -36.58 26.83
CA LYS A 411 2.20 -35.32 26.57
CA LYS A 411 2.18 -35.34 26.46
C LYS A 411 1.20 -34.21 26.28
C LYS A 411 1.17 -34.21 26.32
N ASP A 412 1.70 -32.99 26.30
CA ASP A 412 0.93 -31.80 25.99
C ASP A 412 0.45 -31.92 24.55
N VAL A 413 -0.87 -31.88 24.36
N VAL A 413 -0.86 -31.88 24.35
CA VAL A 413 -1.46 -31.85 23.02
CA VAL A 413 -1.41 -31.84 23.00
C VAL A 413 -1.99 -30.43 22.80
C VAL A 413 -1.98 -30.43 22.79
N GLY A 414 -1.21 -29.63 22.08
CA GLY A 414 -1.45 -28.19 22.00
C GLY A 414 -2.47 -27.76 20.97
N ARG A 415 -2.81 -28.66 20.04
CA ARG A 415 -3.72 -28.33 18.95
C ARG A 415 -4.70 -29.45 18.71
N GLY A 416 -5.91 -29.08 18.32
CA GLY A 416 -6.90 -30.08 17.91
C GLY A 416 -7.92 -29.41 17.00
N MET A 417 -8.41 -30.16 16.02
CA MET A 417 -9.37 -29.63 15.05
C MET A 417 -10.60 -30.51 14.91
N ALA A 418 -11.70 -29.91 14.50
CA ALA A 418 -12.92 -30.63 14.16
C ALA A 418 -13.46 -30.06 12.86
N ALA A 419 -13.69 -30.94 11.88
CA ALA A 419 -14.22 -30.53 10.58
C ALA A 419 -14.61 -31.78 9.80
N ASP A 420 -15.72 -31.69 9.06
CA ASP A 420 -16.07 -32.75 8.13
C ASP A 420 -15.17 -32.66 6.91
N ILE A 421 -14.15 -33.52 6.87
CA ILE A 421 -13.18 -33.53 5.77
C ILE A 421 -13.20 -34.84 4.99
N ASP A 422 -13.91 -35.84 5.50
CA ASP A 422 -13.95 -37.17 4.92
C ASP A 422 -15.39 -37.62 4.83
N PRO A 423 -15.96 -37.71 3.61
CA PRO A 423 -17.38 -38.07 3.52
C PRO A 423 -17.65 -39.56 3.73
N ARG A 424 -16.59 -40.36 3.84
CA ARG A 424 -16.74 -41.79 4.10
C ARG A 424 -17.14 -42.08 5.55
N TYR A 425 -16.97 -41.09 6.43
CA TYR A 425 -17.34 -41.26 7.83
C TYR A 425 -18.34 -40.18 8.15
N PRO A 426 -19.59 -40.57 8.49
CA PRO A 426 -20.60 -39.55 8.78
C PRO A 426 -20.15 -38.60 9.89
N GLY A 427 -20.45 -37.33 9.73
CA GLY A 427 -20.15 -36.32 10.75
C GLY A 427 -18.80 -35.65 10.60
N GLN A 428 -18.43 -34.86 11.60
CA GLN A 428 -17.15 -34.18 11.60
C GLN A 428 -16.04 -35.09 12.10
N GLU A 429 -14.95 -35.12 11.34
CA GLU A 429 -13.72 -35.75 11.78
C GLU A 429 -13.04 -34.83 12.79
N VAL A 430 -12.15 -35.40 13.60
CA VAL A 430 -11.36 -34.62 14.53
C VAL A 430 -9.91 -35.10 14.44
N TRP A 431 -8.97 -34.20 14.69
CA TRP A 431 -7.57 -34.61 14.69
C TRP A 431 -6.74 -33.88 15.73
N ALA A 432 -5.78 -34.62 16.28
CA ALA A 432 -4.85 -34.08 17.27
C ALA A 432 -3.75 -35.10 17.49
N ASN A 433 -2.58 -34.58 17.88
CA ASN A 433 -1.43 -35.44 18.24
C ASN A 433 -1.08 -36.47 17.17
N GLY A 434 -1.16 -36.07 15.92
CA GLY A 434 -0.70 -36.92 14.82
C GLY A 434 -1.67 -37.95 14.28
N SER A 435 -2.91 -37.98 14.79
CA SER A 435 -3.92 -38.92 14.27
C SER A 435 -5.24 -38.21 13.94
N LEU A 436 -5.89 -38.70 12.88
CA LEU A 436 -7.21 -38.26 12.44
C LEU A 436 -8.20 -39.32 12.86
N TYR A 437 -9.37 -38.90 13.33
CA TYR A 437 -10.40 -39.81 13.81
C TYR A 437 -11.77 -39.45 13.26
N SER A 438 -12.64 -40.45 13.15
CA SER A 438 -14.04 -40.18 12.90
C SER A 438 -14.67 -39.63 14.17
N ALA A 439 -15.90 -39.14 14.05
CA ALA A 439 -16.64 -38.66 15.21
C ALA A 439 -16.86 -39.77 16.27
N LYS A 440 -16.71 -41.02 15.85
CA LYS A 440 -16.85 -42.18 16.75
C LYS A 440 -15.54 -42.61 17.38
N GLY A 441 -14.44 -41.93 17.05
CA GLY A 441 -13.14 -42.27 17.63
C GLY A 441 -12.33 -43.31 16.88
N VAL A 442 -12.74 -43.61 15.66
CA VAL A 442 -12.02 -44.58 14.82
C VAL A 442 -10.90 -43.87 14.06
N LYS A 443 -9.66 -44.28 14.28
CA LYS A 443 -8.53 -43.68 13.58
C LYS A 443 -8.67 -43.91 12.08
N ILE A 444 -8.48 -42.84 11.30
CA ILE A 444 -8.59 -42.90 9.86
C ILE A 444 -7.20 -42.79 9.23
N GLY A 445 -6.81 -43.86 8.54
CA GLY A 445 -5.51 -43.92 7.86
C GLY A 445 -4.34 -43.62 8.80
N SER A 446 -3.34 -42.97 8.24
CA SER A 446 -2.18 -42.53 9.02
C SER A 446 -1.97 -41.03 8.78
N GLY A 447 -1.46 -40.35 9.79
CA GLY A 447 -1.24 -38.91 9.69
C GLY A 447 -2.49 -38.06 9.69
N VAL A 448 -2.28 -36.77 9.52
CA VAL A 448 -3.31 -35.75 9.67
C VAL A 448 -3.21 -34.66 8.59
N PRO A 449 -4.26 -33.84 8.46
CA PRO A 449 -4.15 -32.62 7.64
C PRO A 449 -2.94 -31.77 8.06
N SER A 450 -2.44 -30.98 7.11
CA SER A 450 -1.20 -30.22 7.29
C SER A 450 -1.33 -29.03 8.24
N SER A 451 -2.55 -28.75 8.71
CA SER A 451 -2.76 -27.72 9.73
C SER A 451 -3.72 -28.24 10.77
N THR A 452 -3.64 -27.65 11.97
CA THR A 452 -4.54 -27.96 13.07
C THR A 452 -4.86 -26.63 13.74
N ASN A 453 -5.59 -25.80 12.99
CA ASN A 453 -5.85 -24.44 13.40
C ASN A 453 -7.32 -24.08 13.22
N PHE A 454 -7.69 -23.61 12.02
CA PHE A 454 -9.08 -23.27 11.70
C PHE A 454 -9.63 -24.24 10.63
N GLY A 455 -10.94 -24.42 10.66
CA GLY A 455 -11.69 -25.01 9.55
C GLY A 455 -12.47 -23.87 8.92
N ILE A 456 -12.63 -23.90 7.60
CA ILE A 456 -13.31 -22.85 6.88
C ILE A 456 -14.12 -23.42 5.72
N TRP A 457 -15.36 -22.96 5.56
CA TRP A 457 -16.13 -23.31 4.36
C TRP A 457 -15.74 -22.36 3.25
N TRP A 458 -14.97 -22.87 2.27
CA TRP A 458 -14.40 -22.02 1.23
C TRP A 458 -14.83 -22.40 -0.18
N ASP A 459 -14.74 -23.69 -0.51
CA ASP A 459 -15.10 -24.14 -1.85
C ASP A 459 -16.60 -24.42 -1.94
N GLY A 460 -17.03 -25.09 -3.01
CA GLY A 460 -18.45 -25.29 -3.27
C GLY A 460 -19.06 -26.51 -2.59
N ASP A 461 -18.24 -27.39 -2.03
CA ASP A 461 -18.79 -28.59 -1.41
C ASP A 461 -19.11 -28.41 0.08
N LEU A 462 -19.89 -29.33 0.63
CA LEU A 462 -20.33 -29.24 2.02
C LEU A 462 -19.26 -29.69 3.03
N LEU A 463 -18.17 -30.28 2.56
CA LEU A 463 -17.04 -30.56 3.45
C LEU A 463 -16.41 -29.23 3.87
N ARG A 464 -15.64 -29.24 4.95
CA ARG A 464 -14.97 -28.03 5.41
C ARG A 464 -13.48 -28.08 5.08
N GLU A 465 -12.98 -26.94 4.59
CA GLU A 465 -11.59 -26.79 4.23
C GLU A 465 -10.80 -26.34 5.46
N GLN A 466 -9.49 -26.19 5.31
CA GLN A 466 -8.63 -25.84 6.46
C GLN A 466 -7.96 -24.50 6.24
N LEU A 467 -7.81 -23.74 7.32
CA LEU A 467 -7.13 -22.45 7.23
C LEU A 467 -6.03 -22.36 8.28
N ASP A 468 -4.89 -21.83 7.86
CA ASP A 468 -3.73 -21.65 8.74
C ASP A 468 -2.83 -20.65 8.07
N SER A 469 -2.20 -19.77 8.86
N SER A 469 -2.21 -19.77 8.87
CA SER A 469 -1.34 -18.74 8.29
CA SER A 469 -1.39 -18.70 8.32
C SER A 469 -2.14 -17.99 7.21
C SER A 469 -2.17 -17.99 7.20
N ASN A 470 -1.53 -17.75 6.05
CA ASN A 470 -2.21 -17.09 4.93
C ASN A 470 -2.68 -18.10 3.86
N ARG A 471 -3.06 -19.29 4.33
CA ARG A 471 -3.39 -20.40 3.45
C ARG A 471 -4.75 -21.00 3.75
N ILE A 472 -5.44 -21.38 2.68
CA ILE A 472 -6.56 -22.31 2.73
C ILE A 472 -6.18 -23.59 2.00
N ASP A 473 -6.33 -24.73 2.67
CA ASP A 473 -5.98 -26.04 2.11
C ASP A 473 -7.21 -26.93 2.05
N LYS A 474 -7.16 -27.94 1.17
N LYS A 474 -7.11 -27.95 1.20
CA LYS A 474 -8.23 -28.94 1.11
CA LYS A 474 -8.14 -28.96 1.02
C LYS A 474 -7.66 -30.34 1.25
C LYS A 474 -7.55 -30.32 1.38
N TRP A 475 -8.28 -31.10 2.17
CA TRP A 475 -7.88 -32.47 2.47
C TRP A 475 -8.33 -33.41 1.36
N ASP A 476 -7.36 -34.07 0.74
CA ASP A 476 -7.64 -35.10 -0.24
C ASP A 476 -7.79 -36.38 0.58
N TYR A 477 -9.04 -36.73 0.89
CA TYR A 477 -9.30 -37.82 1.84
C TYR A 477 -8.95 -39.19 1.28
N GLN A 478 -9.12 -39.37 -0.02
N GLN A 478 -9.09 -39.34 -0.03
CA GLN A 478 -8.79 -40.64 -0.66
CA GLN A 478 -8.81 -40.60 -0.74
C GLN A 478 -7.30 -40.93 -0.48
C GLN A 478 -7.32 -40.93 -0.77
N ASN A 479 -6.49 -39.89 -0.67
CA ASN A 479 -5.04 -40.03 -0.68
C ASN A 479 -4.33 -39.63 0.63
N GLY A 480 -5.11 -39.13 1.59
CA GLY A 480 -4.58 -38.82 2.92
C GLY A 480 -3.56 -37.70 2.98
N VAL A 481 -3.79 -36.65 2.21
CA VAL A 481 -2.86 -35.52 2.15
C VAL A 481 -3.58 -34.21 1.90
N SER A 482 -3.07 -33.14 2.48
CA SER A 482 -3.60 -31.79 2.26
C SER A 482 -2.98 -31.19 1.02
N LYS A 483 -3.76 -30.40 0.29
N LYS A 483 -3.77 -30.42 0.28
CA LYS A 483 -3.28 -29.68 -0.88
CA LYS A 483 -3.29 -29.68 -0.90
C LYS A 483 -3.76 -28.24 -0.83
C LYS A 483 -3.73 -28.24 -0.77
N ASN A 484 -2.86 -27.31 -1.13
CA ASN A 484 -3.19 -25.89 -1.05
C ASN A 484 -4.24 -25.45 -2.07
N MET A 485 -5.18 -24.62 -1.61
N MET A 485 -5.21 -24.66 -1.62
CA MET A 485 -6.27 -24.10 -2.43
CA MET A 485 -6.20 -24.05 -2.53
C MET A 485 -6.15 -22.58 -2.64
C MET A 485 -5.90 -22.58 -2.75
N LEU A 486 -5.58 -21.89 -1.65
CA LEU A 486 -5.32 -20.45 -1.71
C LEU A 486 -4.10 -20.13 -0.87
N THR A 487 -3.18 -19.36 -1.44
CA THR A 487 -2.12 -18.72 -0.67
C THR A 487 -2.27 -17.23 -0.94
N ALA A 488 -2.64 -16.50 0.11
CA ALA A 488 -2.90 -15.06 -0.03
C ALA A 488 -1.60 -14.27 0.06
N SER A 489 -0.92 -14.17 -1.09
N SER A 489 -0.92 -14.17 -1.08
CA SER A 489 0.34 -13.44 -1.20
CA SER A 489 0.37 -13.48 -1.14
C SER A 489 0.18 -11.99 -0.75
C SER A 489 0.21 -12.00 -0.78
N GLY A 490 1.07 -11.54 0.13
CA GLY A 490 1.01 -10.17 0.64
C GLY A 490 0.14 -10.01 1.88
N ALA A 491 -0.58 -11.08 2.23
CA ALA A 491 -1.38 -11.11 3.45
C ALA A 491 -0.62 -11.89 4.50
N ALA A 492 -0.82 -11.53 5.77
CA ALA A 492 -0.13 -12.17 6.87
C ALA A 492 -1.13 -12.53 7.95
N ALA A 493 -0.89 -13.65 8.61
CA ALA A 493 -1.65 -14.01 9.80
C ALA A 493 -1.01 -13.40 11.05
N ASN A 494 -1.66 -13.60 12.19
CA ASN A 494 -1.30 -12.91 13.43
C ASN A 494 -0.92 -13.89 14.54
N ASN A 495 -0.37 -13.33 15.61
CA ASN A 495 -0.20 -14.06 16.87
C ASN A 495 0.87 -15.14 16.82
N GLY A 496 1.92 -14.87 16.05
CA GLY A 496 3.09 -15.73 16.01
C GLY A 496 2.73 -17.12 15.52
N THR A 497 3.16 -18.13 16.27
CA THR A 497 2.93 -19.52 15.88
C THR A 497 1.45 -19.90 15.84
N LYS A 498 0.59 -19.11 16.49
CA LYS A 498 -0.84 -19.39 16.42
C LYS A 498 -1.37 -19.12 15.00
N ALA A 499 -0.75 -18.16 14.31
CA ALA A 499 -1.01 -17.89 12.88
C ALA A 499 -2.49 -17.81 12.52
N THR A 500 -3.18 -16.89 13.19
CA THR A 500 -4.62 -16.75 13.04
C THR A 500 -4.95 -15.59 12.11
N PRO A 501 -6.07 -15.68 11.37
CA PRO A 501 -6.45 -14.52 10.55
C PRO A 501 -7.01 -13.43 11.46
N THR A 502 -7.00 -12.19 10.99
CA THR A 502 -7.66 -11.12 11.72
C THR A 502 -9.12 -11.51 12.01
N LEU A 503 -9.78 -12.12 11.04
CA LEU A 503 -11.12 -12.67 11.30
C LEU A 503 -11.49 -13.65 10.20
N GLN A 504 -12.20 -14.70 10.57
CA GLN A 504 -12.87 -15.56 9.60
C GLN A 504 -14.36 -15.54 9.94
N ALA A 505 -15.19 -15.17 8.97
CA ALA A 505 -16.63 -15.10 9.19
C ALA A 505 -17.36 -15.00 7.88
N ASP A 506 -18.56 -15.56 7.83
CA ASP A 506 -19.46 -15.28 6.72
C ASP A 506 -20.04 -13.87 6.90
N LEU A 507 -19.30 -12.88 6.36
N LEU A 507 -19.33 -12.86 6.39
CA LEU A 507 -19.57 -11.45 6.55
CA LEU A 507 -19.76 -11.48 6.59
C LEU A 507 -20.42 -10.84 5.47
C LEU A 507 -20.27 -10.81 5.31
N LEU A 508 -20.41 -11.49 4.32
N LEU A 508 -20.09 -11.49 4.17
CA LEU A 508 -21.07 -10.98 3.12
CA LEU A 508 -20.60 -10.99 2.89
C LEU A 508 -21.22 -12.14 2.14
C LEU A 508 -20.98 -12.14 1.96
N GLY A 509 -21.91 -11.90 1.03
CA GLY A 509 -22.21 -12.93 0.02
C GLY A 509 -22.94 -14.16 0.57
N ASP A 510 -22.73 -15.29 -0.09
CA ASP A 510 -23.42 -16.54 0.29
C ASP A 510 -22.77 -17.20 1.51
N TRP A 511 -23.19 -18.42 1.81
CA TRP A 511 -22.83 -19.07 3.06
C TRP A 511 -21.35 -19.37 3.29
N ARG A 512 -20.51 -19.34 2.26
CA ARG A 512 -19.09 -19.57 2.50
C ARG A 512 -18.51 -18.45 3.37
N GLU A 513 -17.41 -18.76 4.04
CA GLU A 513 -16.84 -17.81 4.97
C GLU A 513 -15.77 -16.95 4.31
N GLU A 514 -15.81 -15.67 4.63
CA GLU A 514 -14.76 -14.73 4.24
C GLU A 514 -13.59 -14.82 5.20
N VAL A 515 -12.41 -14.40 4.71
CA VAL A 515 -11.25 -14.25 5.56
C VAL A 515 -10.78 -12.82 5.48
N VAL A 516 -10.50 -12.26 6.66
CA VAL A 516 -9.90 -10.95 6.78
C VAL A 516 -8.47 -11.15 7.26
N TRP A 517 -7.50 -10.82 6.40
CA TRP A 517 -6.08 -10.85 6.77
C TRP A 517 -5.52 -9.44 6.65
N ARG A 518 -4.63 -9.07 7.56
CA ARG A 518 -3.87 -7.84 7.39
C ARG A 518 -2.85 -7.99 6.26
N THR A 519 -2.48 -6.87 5.65
CA THR A 519 -1.25 -6.86 4.85
C THR A 519 -0.06 -6.94 5.80
N GLU A 520 1.11 -7.32 5.25
N GLU A 520 1.10 -7.32 5.24
CA GLU A 520 2.33 -7.49 6.05
CA GLU A 520 2.33 -7.46 6.01
C GLU A 520 2.70 -6.24 6.84
C GLU A 520 2.63 -6.23 6.86
N ASP A 521 2.44 -5.06 6.27
CA ASP A 521 2.77 -3.79 6.93
C ASP A 521 1.59 -3.15 7.69
N SER A 522 0.48 -3.89 7.77
CA SER A 522 -0.76 -3.42 8.42
C SER A 522 -1.27 -2.08 7.90
N SER A 523 -1.01 -1.78 6.64
CA SER A 523 -1.61 -0.60 6.02
C SER A 523 -3.05 -0.85 5.62
N ALA A 524 -3.44 -2.13 5.54
CA ALA A 524 -4.80 -2.48 5.17
C ALA A 524 -5.20 -3.84 5.75
N LEU A 525 -6.51 -4.03 5.85
CA LEU A 525 -7.10 -5.37 5.97
C LEU A 525 -7.62 -5.78 4.61
N ARG A 526 -7.42 -7.04 4.25
CA ARG A 526 -7.97 -7.56 3.01
C ARG A 526 -9.09 -8.54 3.32
N ILE A 527 -10.25 -8.33 2.72
N ILE A 527 -10.26 -8.31 2.74
CA ILE A 527 -11.37 -9.26 2.88
CA ILE A 527 -11.37 -9.25 2.86
C ILE A 527 -11.51 -10.15 1.65
C ILE A 527 -11.39 -10.13 1.62
N TYR A 528 -11.15 -11.42 1.80
CA TYR A 528 -11.25 -12.40 0.71
C TYR A 528 -12.61 -13.07 0.75
N THR A 529 -13.28 -13.14 -0.39
CA THR A 529 -14.55 -13.85 -0.49
C THR A 529 -14.39 -14.86 -1.63
N THR A 530 -14.94 -16.05 -1.45
CA THR A 530 -14.75 -17.09 -2.46
C THR A 530 -15.48 -16.76 -3.76
N THR A 531 -14.88 -17.16 -4.87
CA THR A 531 -15.53 -17.10 -6.18
C THR A 531 -15.70 -18.51 -6.76
N ILE A 532 -15.55 -19.52 -5.91
CA ILE A 532 -15.80 -20.89 -6.32
C ILE A 532 -17.30 -21.13 -6.34
N PRO A 533 -17.88 -21.50 -7.50
CA PRO A 533 -19.32 -21.71 -7.50
C PRO A 533 -19.77 -22.87 -6.61
N THR A 534 -20.98 -22.76 -6.09
CA THR A 534 -21.61 -23.82 -5.31
C THR A 534 -23.04 -24.06 -5.80
N GLU A 535 -23.49 -25.30 -5.66
N GLU A 535 -23.50 -25.30 -5.66
CA GLU A 535 -24.87 -25.68 -5.94
CA GLU A 535 -24.90 -25.63 -5.95
C GLU A 535 -25.77 -25.52 -4.70
C GLU A 535 -25.79 -25.38 -4.73
N HIS A 536 -25.16 -25.14 -3.58
CA HIS A 536 -25.86 -25.10 -2.29
C HIS A 536 -26.17 -23.70 -1.81
N ARG A 537 -27.37 -23.56 -1.27
CA ARG A 537 -27.79 -22.37 -0.57
C ARG A 537 -28.04 -22.76 0.89
N LEU A 538 -27.45 -21.99 1.80
N LEU A 538 -27.44 -21.98 1.79
CA LEU A 538 -27.71 -22.16 3.22
CA LEU A 538 -27.69 -22.15 3.22
C LEU A 538 -27.95 -20.79 3.84
C LEU A 538 -27.95 -20.78 3.83
N TYR A 539 -28.70 -20.75 4.93
CA TYR A 539 -28.93 -19.49 5.65
C TYR A 539 -27.61 -18.85 6.02
N THR A 540 -27.53 -17.53 5.90
CA THR A 540 -26.29 -16.84 6.25
C THR A 540 -25.87 -17.31 7.64
N LEU A 541 -24.58 -17.61 7.78
CA LEU A 541 -24.12 -18.25 9.02
C LEU A 541 -24.29 -17.33 10.22
N MET A 542 -24.39 -16.02 9.99
CA MET A 542 -24.55 -15.06 11.08
C MET A 542 -25.97 -15.09 11.63
N HIS A 543 -26.86 -15.85 10.99
CA HIS A 543 -28.21 -16.10 11.52
C HIS A 543 -28.34 -17.46 12.20
N ASP A 544 -27.21 -18.16 12.33
CA ASP A 544 -27.19 -19.35 13.18
C ASP A 544 -26.82 -18.98 14.61
N PRO A 545 -27.59 -19.45 15.61
N PRO A 545 -27.59 -19.47 15.61
CA PRO A 545 -27.28 -19.04 16.99
CA PRO A 545 -27.40 -19.12 17.03
C PRO A 545 -25.82 -19.28 17.33
C PRO A 545 -26.10 -19.55 17.71
N VAL A 546 -25.37 -20.52 17.15
CA VAL A 546 -24.03 -20.89 17.64
C VAL A 546 -22.90 -20.24 16.82
N TYR A 547 -23.04 -20.21 15.50
CA TYR A 547 -22.03 -19.58 14.66
C TYR A 547 -21.86 -18.10 15.00
N ARG A 548 -22.99 -17.39 15.15
CA ARG A 548 -22.91 -15.96 15.40
C ARG A 548 -22.18 -15.67 16.70
N LEU A 549 -22.45 -16.49 17.69
CA LEU A 549 -21.77 -16.35 18.98
C LEU A 549 -20.28 -16.67 18.88
N GLY A 550 -19.95 -17.64 18.03
CA GLY A 550 -18.56 -17.97 17.73
C GLY A 550 -17.79 -16.81 17.13
N ILE A 551 -18.44 -16.05 16.25
CA ILE A 551 -17.78 -14.86 15.70
C ILE A 551 -17.51 -13.85 16.84
N ALA A 552 -18.46 -13.71 17.74
CA ALA A 552 -18.26 -12.79 18.86
C ALA A 552 -17.06 -13.16 19.72
N TRP A 553 -16.86 -14.47 19.98
CA TRP A 553 -15.71 -14.86 20.78
C TRP A 553 -14.46 -15.24 20.00
N GLN A 554 -14.48 -15.12 18.66
CA GLN A 554 -13.30 -15.54 17.89
C GLN A 554 -12.01 -14.88 18.37
N ASN A 555 -12.08 -13.59 18.70
CA ASN A 555 -10.87 -12.88 19.10
C ASN A 555 -10.29 -13.38 20.40
N ILE A 556 -11.11 -13.96 21.27
CA ILE A 556 -10.62 -14.12 22.65
C ILE A 556 -9.43 -15.08 22.77
N ALA A 557 -8.46 -14.63 23.57
CA ALA A 557 -7.28 -15.42 23.91
C ALA A 557 -6.79 -16.18 22.67
N TYR A 558 -6.72 -17.52 22.72
CA TYR A 558 -6.26 -18.27 21.56
C TYR A 558 -7.43 -18.57 20.65
N ASN A 559 -7.59 -17.68 19.66
CA ASN A 559 -8.69 -17.69 18.70
C ASN A 559 -8.99 -19.10 18.20
N GLN A 560 -10.27 -19.48 18.25
CA GLN A 560 -10.73 -20.75 17.70
C GLN A 560 -11.73 -20.51 16.57
N PRO A 561 -11.84 -21.49 15.65
CA PRO A 561 -12.78 -21.31 14.55
C PRO A 561 -14.24 -21.49 14.98
N PRO A 562 -15.16 -20.89 14.23
CA PRO A 562 -16.57 -20.98 14.59
C PRO A 562 -17.25 -22.25 14.07
N HIS A 563 -18.35 -22.63 14.73
CA HIS A 563 -19.14 -23.80 14.37
C HIS A 563 -20.60 -23.44 14.27
N THR A 564 -21.33 -24.21 13.49
CA THR A 564 -22.79 -24.06 13.41
C THR A 564 -23.51 -24.89 14.48
N SER A 565 -24.73 -24.48 14.84
CA SER A 565 -25.52 -25.25 15.82
C SER A 565 -26.01 -26.58 15.29
N PHE A 566 -26.04 -26.70 13.96
CA PHE A 566 -26.48 -27.89 13.25
C PHE A 566 -25.29 -28.52 12.53
N PHE A 567 -25.47 -29.78 12.10
CA PHE A 567 -24.45 -30.43 11.30
C PHE A 567 -24.51 -29.89 9.87
N LEU A 568 -23.46 -29.14 9.52
CA LEU A 568 -23.25 -28.67 8.16
C LEU A 568 -22.15 -29.54 7.60
N GLY A 569 -22.47 -30.38 6.62
CA GLY A 569 -21.47 -31.27 6.05
C GLY A 569 -22.10 -32.25 5.10
N ASP A 570 -21.30 -33.21 4.64
CA ASP A 570 -21.79 -34.18 3.68
C ASP A 570 -22.85 -35.05 4.33
N GLY A 571 -23.97 -35.25 3.62
CA GLY A 571 -25.07 -36.04 4.13
C GLY A 571 -26.02 -35.28 5.04
N MET A 572 -25.81 -33.98 5.18
CA MET A 572 -26.64 -33.17 6.08
C MET A 572 -28.08 -33.11 5.60
N ALA A 573 -28.98 -32.84 6.54
CA ALA A 573 -30.37 -32.59 6.20
C ALA A 573 -30.54 -31.12 5.85
N GLU A 574 -31.56 -30.81 5.05
N GLU A 574 -31.56 -30.81 5.05
CA GLU A 574 -31.91 -29.43 4.78
CA GLU A 574 -31.92 -29.41 4.77
C GLU A 574 -32.32 -28.78 6.11
C GLU A 574 -32.36 -28.76 6.07
N GLN A 575 -31.85 -27.57 6.35
CA GLN A 575 -32.14 -26.89 7.62
C GLN A 575 -33.43 -26.09 7.56
N PRO A 576 -34.16 -26.08 8.69
CA PRO A 576 -35.32 -25.21 8.73
C PRO A 576 -34.87 -23.77 8.92
N LYS A 577 -35.79 -22.85 8.69
N LYS A 577 -35.81 -22.85 8.73
CA LYS A 577 -35.57 -21.43 8.95
CA LYS A 577 -35.62 -21.44 9.01
C LYS A 577 -35.24 -21.24 10.44
C LYS A 577 -35.20 -21.28 10.47
N PRO A 578 -34.20 -20.43 10.74
CA PRO A 578 -33.88 -20.15 12.16
C PRO A 578 -35.03 -19.45 12.88
N ASN A 579 -35.18 -19.75 14.17
CA ASN A 579 -36.22 -19.15 14.98
C ASN A 579 -35.69 -17.83 15.54
N MET A 580 -36.00 -16.75 14.84
CA MET A 580 -35.38 -15.47 15.14
C MET A 580 -36.30 -14.31 14.85
N TYR A 581 -36.00 -13.18 15.49
CA TYR A 581 -36.58 -11.90 15.12
C TYR A 581 -35.46 -10.89 15.06
N THR A 582 -35.70 -9.75 14.41
CA THR A 582 -34.73 -8.66 14.41
C THR A 582 -35.32 -7.45 15.16
N PRO A 583 -34.46 -6.57 15.71
CA PRO A 583 -34.98 -5.36 16.36
C PRO A 583 -35.79 -4.47 15.41
N ALA B 1 36.99 6.40 -23.64
CA ALA B 1 36.04 5.36 -23.17
C ALA B 1 35.30 5.82 -21.92
N ALA B 2 36.04 6.10 -20.85
CA ALA B 2 35.46 6.62 -19.61
C ALA B 2 34.84 7.99 -19.85
N ARG B 3 33.63 8.17 -19.33
CA ARG B 3 32.92 9.44 -19.46
C ARG B 3 33.10 10.32 -18.23
N GLN B 4 33.20 11.63 -18.46
CA GLN B 4 33.17 12.60 -17.38
C GLN B 4 31.82 12.51 -16.70
N MET B 5 31.82 12.29 -15.39
CA MET B 5 30.61 12.33 -14.57
C MET B 5 30.88 13.10 -13.27
N GLU B 6 29.83 13.40 -12.52
CA GLU B 6 29.96 14.28 -11.34
C GLU B 6 30.59 13.61 -10.12
N ALA B 7 31.50 14.31 -9.46
CA ALA B 7 31.95 13.93 -8.13
C ALA B 7 30.82 14.23 -7.16
N LEU B 8 30.30 13.18 -6.53
CA LEU B 8 29.16 13.30 -5.61
C LEU B 8 29.56 12.90 -4.20
N ASN B 9 28.96 13.54 -3.21
CA ASN B 9 29.17 13.16 -1.82
C ASN B 9 28.36 11.90 -1.51
N ARG B 10 28.36 11.47 -0.24
CA ARG B 10 27.69 10.23 0.14
C ARG B 10 26.17 10.29 -0.04
N GLY B 11 25.61 11.50 -0.07
CA GLY B 11 24.16 11.67 -0.24
C GLY B 11 23.34 11.10 0.89
N LEU B 12 23.94 11.03 2.07
CA LEU B 12 23.28 10.46 3.23
C LEU B 12 22.07 11.29 3.66
N VAL B 13 20.95 10.62 3.87
N VAL B 13 20.97 10.59 3.94
CA VAL B 13 19.77 11.26 4.46
CA VAL B 13 19.73 11.20 4.38
C VAL B 13 19.25 10.39 5.58
C VAL B 13 19.10 10.36 5.49
N ALA B 14 18.53 11.02 6.50
CA ALA B 14 17.90 10.33 7.62
C ALA B 14 16.48 10.88 7.79
N VAL B 15 15.50 9.99 7.81
CA VAL B 15 14.09 10.36 7.77
C VAL B 15 13.31 9.51 8.77
N LYS B 16 12.37 10.13 9.47
CA LYS B 16 11.50 9.39 10.39
C LYS B 16 10.72 8.31 9.66
N THR B 17 10.55 7.17 10.31
CA THR B 17 9.78 6.07 9.74
C THR B 17 9.02 5.41 10.88
N ASP B 18 8.18 4.42 10.55
CA ASP B 18 7.43 3.71 11.58
C ASP B 18 8.35 3.16 12.68
N GLY B 19 9.22 2.23 12.30
CA GLY B 19 10.12 1.61 13.26
C GLY B 19 11.44 2.37 13.45
N GLY B 20 11.35 3.64 13.81
CA GLY B 20 12.51 4.46 14.14
C GLY B 20 12.91 5.46 13.06
N ILE B 21 14.15 5.35 12.60
CA ILE B 21 14.71 6.27 11.61
C ILE B 21 15.20 5.48 10.40
N PHE B 22 14.80 5.93 9.20
CA PHE B 22 15.24 5.35 7.95
C PHE B 22 16.44 6.15 7.41
N VAL B 23 17.52 5.45 7.10
CA VAL B 23 18.74 6.05 6.57
C VAL B 23 19.01 5.45 5.19
N SER B 24 19.31 6.30 4.20
CA SER B 24 19.77 5.79 2.91
C SER B 24 20.89 6.67 2.34
N TRP B 25 21.70 6.08 1.47
CA TRP B 25 22.87 6.75 0.94
C TRP B 25 23.27 6.18 -0.42
N ARG B 26 24.21 6.85 -1.07
CA ARG B 26 24.64 6.47 -2.42
C ARG B 26 25.65 5.34 -2.45
N PHE B 27 25.53 4.52 -3.49
CA PHE B 27 26.59 3.65 -3.98
C PHE B 27 27.17 4.40 -5.19
N LEU B 28 28.39 4.91 -5.03
CA LEU B 28 28.99 5.78 -6.05
C LEU B 28 29.60 5.02 -7.21
N GLY B 29 29.55 5.61 -8.40
CA GLY B 29 30.06 5.00 -9.62
C GLY B 29 31.55 4.74 -9.62
N THR B 30 32.25 5.33 -8.66
CA THR B 30 33.69 5.11 -8.50
C THR B 30 33.97 3.92 -7.58
N GLU B 31 32.92 3.36 -6.99
CA GLU B 31 33.06 2.26 -6.04
C GLU B 31 32.80 0.91 -6.71
N ASN B 32 33.38 -0.16 -6.16
N ASN B 32 33.38 -0.16 -6.17
CA ASN B 32 33.16 -1.51 -6.68
CA ASN B 32 33.12 -1.50 -6.71
C ASN B 32 32.36 -2.42 -5.75
C ASN B 32 32.31 -2.40 -5.78
N ALA B 33 32.09 -3.64 -6.21
CA ALA B 33 31.24 -4.60 -5.51
C ALA B 33 31.61 -4.88 -4.06
N SER B 34 32.92 -4.90 -3.78
CA SER B 34 33.45 -5.20 -2.45
C SER B 34 33.15 -4.14 -1.39
N VAL B 35 32.99 -2.89 -1.81
CA VAL B 35 32.73 -1.81 -0.87
C VAL B 35 31.51 -2.15 -0.01
N LEU B 36 31.70 -2.08 1.31
CA LEU B 36 30.63 -2.28 2.27
C LEU B 36 30.54 -1.04 3.16
N PHE B 37 29.60 -1.05 4.11
CA PHE B 37 29.35 0.15 4.92
C PHE B 37 29.09 -0.13 6.39
N ASN B 38 29.56 0.80 7.23
CA ASN B 38 29.15 0.86 8.63
C ASN B 38 28.29 2.10 8.89
N VAL B 39 27.26 1.92 9.70
CA VAL B 39 26.30 2.97 10.02
C VAL B 39 26.43 3.39 11.49
N TYR B 40 26.56 4.70 11.71
CA TYR B 40 26.76 5.26 13.05
C TYR B 40 25.64 6.23 13.42
N ARG B 41 25.09 6.07 14.63
CA ARG B 41 24.20 7.07 15.21
C ARG B 41 24.98 7.81 16.28
N ASP B 42 25.23 9.10 16.07
CA ASP B 42 25.94 9.94 17.03
C ASP B 42 27.22 9.28 17.56
N GLY B 43 28.02 8.73 16.64
CA GLY B 43 29.30 8.12 16.99
C GLY B 43 29.28 6.64 17.31
N GLN B 44 28.11 6.10 17.66
CA GLN B 44 28.00 4.67 17.99
C GLN B 44 27.55 3.80 16.81
N LYS B 45 28.35 2.79 16.49
CA LYS B 45 28.06 1.88 15.37
C LYS B 45 26.81 1.05 15.63
N LEU B 46 25.99 0.90 14.59
CA LEU B 46 24.71 0.19 14.71
C LEU B 46 24.77 -1.26 14.19
N ASN B 47 25.57 -1.49 13.16
CA ASN B 47 25.67 -2.81 12.53
C ASN B 47 26.88 -3.61 13.02
N ALA B 48 26.64 -4.87 13.39
CA ALA B 48 27.67 -5.75 13.92
C ALA B 48 28.75 -6.07 12.88
N ALA B 49 28.31 -6.23 11.62
CA ALA B 49 29.20 -6.50 10.49
C ALA B 49 28.90 -5.52 9.36
N PRO B 50 29.92 -5.14 8.56
CA PRO B 50 29.69 -4.23 7.43
C PRO B 50 28.54 -4.68 6.53
N VAL B 51 27.65 -3.76 6.20
CA VAL B 51 26.47 -4.05 5.38
C VAL B 51 26.72 -3.72 3.92
N LYS B 52 26.03 -4.44 3.03
CA LYS B 52 26.13 -4.19 1.60
C LYS B 52 25.12 -3.15 1.15
N THR B 53 23.87 -3.32 1.57
CA THR B 53 22.76 -2.49 1.11
C THR B 53 22.85 -1.05 1.62
N THR B 54 22.43 -0.11 0.77
CA THR B 54 22.59 1.33 1.02
C THR B 54 21.37 1.97 1.69
N ASN B 55 20.63 1.19 2.45
CA ASN B 55 19.58 1.70 3.34
C ASN B 55 19.53 0.88 4.62
N TYR B 56 19.09 1.52 5.69
CA TYR B 56 19.14 0.93 7.02
C TYR B 56 18.06 1.55 7.90
N VAL B 57 17.38 0.72 8.67
CA VAL B 57 16.39 1.21 9.63
C VAL B 57 16.89 1.10 11.09
N ASP B 58 16.93 2.25 11.77
N ASP B 58 16.95 2.25 11.76
CA ASP B 58 17.37 2.33 13.16
CA ASP B 58 17.34 2.35 13.17
C ASP B 58 16.16 2.37 14.10
C ASP B 58 16.11 2.36 14.06
N LYS B 59 15.85 1.23 14.71
CA LYS B 59 14.69 1.07 15.61
C LYS B 59 14.74 1.99 16.83
N ASN B 60 15.95 2.37 17.24
CA ASN B 60 16.13 3.19 18.44
C ASN B 60 16.50 4.65 18.21
N GLY B 61 16.53 5.06 16.94
CA GLY B 61 16.76 6.45 16.58
C GLY B 61 15.57 7.32 16.94
N SER B 62 15.85 8.60 17.21
CA SER B 62 14.82 9.57 17.52
C SER B 62 15.06 10.86 16.73
N ALA B 63 14.13 11.80 16.87
CA ALA B 63 14.14 13.06 16.12
C ALA B 63 15.43 13.85 16.26
N GLY B 64 16.12 13.67 17.39
CA GLY B 64 17.35 14.42 17.68
C GLY B 64 18.62 13.68 17.34
N SER B 65 18.50 12.46 16.82
CA SER B 65 19.65 11.64 16.45
C SER B 65 20.33 12.18 15.20
N THR B 66 21.63 11.95 15.09
CA THR B 66 22.37 12.27 13.86
C THR B 66 23.13 11.05 13.41
N TYR B 67 23.36 10.97 12.09
CA TYR B 67 23.93 9.78 11.47
C TYR B 67 25.11 10.08 10.58
N THR B 68 26.03 9.13 10.53
CA THR B 68 27.12 9.12 9.57
C THR B 68 27.29 7.71 9.03
N VAL B 69 27.89 7.60 7.85
N VAL B 69 27.87 7.58 7.85
CA VAL B 69 28.21 6.32 7.24
CA VAL B 69 28.24 6.28 7.32
C VAL B 69 29.69 6.29 6.86
C VAL B 69 29.72 6.27 6.96
N ARG B 70 30.31 5.13 7.04
N ARG B 70 30.33 5.09 7.02
CA ARG B 70 31.70 4.95 6.64
CA ARG B 70 31.72 4.93 6.65
C ARG B 70 31.82 3.78 5.68
C ARG B 70 31.85 3.77 5.70
N ALA B 71 32.47 4.01 4.54
CA ALA B 71 32.72 2.96 3.56
C ALA B 71 33.83 2.04 4.08
N VAL B 72 33.70 0.74 3.77
CA VAL B 72 34.71 -0.26 4.10
C VAL B 72 35.22 -0.86 2.78
N VAL B 73 36.48 -0.61 2.46
CA VAL B 73 37.04 -0.99 1.15
C VAL B 73 38.04 -2.13 1.30
N ASN B 74 37.70 -3.28 0.72
N ASN B 74 37.72 -3.28 0.71
CA ASN B 74 38.49 -4.51 0.82
CA ASN B 74 38.54 -4.48 0.84
C ASN B 74 38.94 -4.80 2.27
C ASN B 74 38.99 -4.71 2.29
N GLY B 75 38.04 -4.53 3.21
CA GLY B 75 38.31 -4.72 4.64
C GLY B 75 38.75 -3.50 5.44
N THR B 76 39.09 -2.40 4.77
CA THR B 76 39.58 -1.19 5.45
C THR B 76 38.52 -0.07 5.49
N GLU B 77 38.25 0.46 6.68
CA GLU B 77 37.25 1.51 6.87
C GLU B 77 37.77 2.89 6.46
N GLN B 78 36.89 3.69 5.86
CA GLN B 78 37.23 4.99 5.27
C GLN B 78 36.69 6.15 6.11
N PRO B 79 37.13 7.40 5.83
CA PRO B 79 36.62 8.57 6.56
C PRO B 79 35.10 8.68 6.53
N ALA B 80 34.53 9.27 7.59
CA ALA B 80 33.08 9.37 7.75
C ALA B 80 32.46 10.35 6.77
N SER B 81 31.23 10.04 6.36
CA SER B 81 30.42 10.96 5.58
C SER B 81 30.10 12.19 6.42
N GLU B 82 29.52 13.20 5.79
CA GLU B 82 28.94 14.32 6.51
C GLU B 82 27.83 13.82 7.44
N LYS B 83 27.60 14.57 8.53
N LYS B 83 27.60 14.57 8.53
CA LYS B 83 26.54 14.29 9.47
CA LYS B 83 26.54 14.21 9.47
C LYS B 83 25.17 14.53 8.84
C LYS B 83 25.16 14.54 8.92
N ALA B 84 24.25 13.58 9.05
CA ALA B 84 22.87 13.75 8.64
C ALA B 84 21.98 13.86 9.86
N SER B 85 21.25 14.98 9.94
CA SER B 85 20.21 15.14 10.94
C SER B 85 18.93 14.52 10.42
N VAL B 86 18.07 14.12 11.35
CA VAL B 86 16.77 13.55 10.98
C VAL B 86 15.87 14.65 10.43
N TRP B 87 15.32 14.45 9.24
CA TRP B 87 14.33 15.37 8.70
C TRP B 87 13.14 15.55 9.65
N ALA B 88 12.64 16.78 9.76
CA ALA B 88 11.43 17.01 10.56
C ALA B 88 10.17 16.38 9.93
N GLN B 89 10.05 16.49 8.60
N GLN B 89 10.08 16.45 8.60
CA GLN B 89 8.91 15.96 7.85
CA GLN B 89 8.92 15.93 7.85
C GLN B 89 9.31 14.78 6.95
C GLN B 89 9.32 14.77 6.93
N PRO B 90 8.32 14.08 6.33
CA PRO B 90 8.64 13.03 5.32
C PRO B 90 9.31 13.60 4.08
N TYR B 91 9.21 14.91 3.93
CA TYR B 91 9.86 15.64 2.85
C TYR B 91 10.81 16.68 3.44
N HIS B 92 11.73 17.16 2.61
CA HIS B 92 12.58 18.27 2.98
C HIS B 92 12.09 19.52 2.25
N SER B 93 11.82 20.59 3.01
N SER B 93 11.81 20.59 3.02
CA SER B 93 11.30 21.82 2.43
CA SER B 93 11.34 21.83 2.44
C SER B 93 12.41 22.81 2.08
C SER B 93 12.50 22.74 2.06
N VAL B 94 12.44 23.24 0.82
CA VAL B 94 13.40 24.25 0.35
C VAL B 94 12.61 25.54 0.18
N PRO B 95 12.83 26.51 1.09
CA PRO B 95 12.06 27.74 0.96
C PRO B 95 12.45 28.51 -0.29
N LEU B 96 11.45 29.13 -0.92
CA LEU B 96 11.67 29.88 -2.16
C LEU B 96 11.55 31.39 -1.93
N ASP B 97 12.16 32.17 -2.82
CA ASP B 97 11.92 33.61 -2.87
C ASP B 97 10.91 33.86 -3.98
N LYS B 98 9.63 33.78 -3.64
CA LYS B 98 8.58 33.88 -4.65
C LYS B 98 8.57 35.27 -5.25
N PRO B 99 8.72 35.39 -6.58
CA PRO B 99 8.75 36.68 -7.24
C PRO B 99 7.42 37.40 -7.17
N ALA B 100 7.50 38.72 -7.03
CA ALA B 100 6.31 39.55 -7.09
C ALA B 100 5.65 39.44 -8.45
N GLY B 101 4.33 39.60 -8.48
CA GLY B 101 3.59 39.66 -9.72
C GLY B 101 3.93 40.90 -10.55
N GLY B 102 3.48 40.90 -11.80
CA GLY B 102 3.73 42.02 -12.68
C GLY B 102 2.50 42.30 -13.52
N THR B 103 2.64 43.26 -14.44
CA THR B 103 1.57 43.52 -15.39
C THR B 103 2.14 43.79 -16.77
N THR B 104 1.45 43.30 -17.79
CA THR B 104 1.92 43.41 -19.17
C THR B 104 1.63 44.81 -19.73
N PRO B 105 2.19 45.15 -20.91
CA PRO B 105 1.86 46.44 -21.53
C PRO B 105 0.38 46.59 -21.85
N LYS B 106 -0.37 45.49 -21.85
CA LYS B 106 -1.80 45.51 -22.13
C LYS B 106 -2.63 45.65 -20.86
N GLY B 107 -1.94 45.77 -19.72
CA GLY B 107 -2.60 45.94 -18.42
C GLY B 107 -3.02 44.65 -17.75
N GLU B 108 -2.55 43.51 -18.25
CA GLU B 108 -2.91 42.22 -17.66
C GLU B 108 -1.98 41.90 -16.51
N SER B 109 -2.58 41.65 -15.34
N SER B 109 -2.58 41.65 -15.34
CA SER B 109 -1.79 41.26 -14.17
CA SER B 109 -1.84 41.24 -14.17
C SER B 109 -1.47 39.77 -14.24
C SER B 109 -1.45 39.76 -14.28
N TYR B 110 -0.29 39.42 -13.74
CA TYR B 110 0.14 38.02 -13.68
C TYR B 110 0.89 37.77 -12.39
N THR B 111 0.85 36.52 -11.93
CA THR B 111 1.62 36.11 -10.76
C THR B 111 2.51 34.95 -11.16
N TYR B 112 3.37 34.52 -10.25
CA TYR B 112 4.33 33.44 -10.53
C TYR B 112 4.05 32.16 -9.77
N SER B 113 4.32 31.03 -10.42
CA SER B 113 4.35 29.74 -9.73
C SER B 113 5.67 29.04 -10.05
N ALA B 114 6.13 28.22 -9.11
CA ALA B 114 7.33 27.42 -9.30
C ALA B 114 7.02 26.38 -10.37
N ASN B 115 7.92 26.20 -11.33
CA ASN B 115 7.65 25.36 -12.48
C ASN B 115 8.77 24.33 -12.66
N ASP B 116 9.22 24.07 -13.89
CA ASP B 116 10.24 23.02 -14.11
C ASP B 116 11.57 23.33 -13.44
N ALA B 117 12.26 22.29 -12.99
CA ALA B 117 13.62 22.46 -12.47
C ALA B 117 14.61 21.52 -13.13
N SER B 118 15.87 21.81 -12.87
CA SER B 118 16.96 20.90 -13.18
C SER B 118 17.90 20.92 -11.98
N VAL B 119 18.97 20.13 -12.06
CA VAL B 119 19.97 20.12 -11.00
C VAL B 119 21.35 20.19 -11.58
N GLY B 120 22.23 20.79 -10.81
CA GLY B 120 23.66 20.74 -11.07
C GLY B 120 24.37 21.07 -9.78
N ASP B 121 25.61 20.62 -9.67
CA ASP B 121 26.43 20.96 -8.51
C ASP B 121 27.25 22.17 -8.91
N VAL B 122 26.77 23.36 -8.53
CA VAL B 122 27.38 24.60 -9.03
C VAL B 122 28.66 25.00 -8.32
N ASP B 123 28.87 24.45 -7.11
CA ASP B 123 30.04 24.81 -6.29
C ASP B 123 30.99 23.64 -6.03
N GLY B 124 30.65 22.46 -6.54
CA GLY B 124 31.58 21.32 -6.55
C GLY B 124 31.72 20.52 -5.27
N ASP B 125 30.77 20.63 -4.35
CA ASP B 125 30.86 19.92 -3.07
C ASP B 125 30.19 18.54 -3.08
N GLY B 126 29.61 18.16 -4.20
CA GLY B 126 28.98 16.85 -4.34
C GLY B 126 27.52 16.76 -3.92
N GLN B 127 26.90 17.91 -3.64
CA GLN B 127 25.46 18.00 -3.38
C GLN B 127 24.84 18.90 -4.45
N TYR B 128 23.74 18.43 -5.04
CA TYR B 128 23.07 19.19 -6.10
C TYR B 128 22.40 20.46 -5.60
N GLU B 129 22.50 21.50 -6.44
CA GLU B 129 21.65 22.68 -6.33
C GLU B 129 20.46 22.48 -7.25
N LEU B 130 19.37 23.15 -6.88
CA LEU B 130 18.18 23.20 -7.74
C LEU B 130 18.17 24.46 -8.58
N ILE B 131 18.02 24.28 -9.89
CA ILE B 131 17.84 25.41 -10.82
C ILE B 131 16.38 25.41 -11.21
N LEU B 132 15.68 26.46 -10.80
CA LEU B 132 14.22 26.51 -10.90
C LEU B 132 13.74 27.58 -11.89
N LYS B 133 12.83 27.18 -12.78
CA LYS B 133 12.16 28.11 -13.67
C LYS B 133 10.82 28.53 -13.05
N TRP B 134 10.60 29.85 -12.99
CA TRP B 134 9.32 30.41 -12.56
C TRP B 134 8.48 30.65 -13.79
N ASP B 135 7.18 30.38 -13.67
CA ASP B 135 6.27 30.57 -14.78
C ASP B 135 5.22 31.64 -14.44
N PRO B 136 5.10 32.68 -15.28
CA PRO B 136 4.03 33.66 -15.04
C PRO B 136 2.70 33.02 -15.38
N SER B 137 1.63 33.52 -14.77
CA SER B 137 0.30 32.93 -14.91
C SER B 137 -0.32 33.16 -16.29
N ASN B 138 0.34 33.98 -17.10
CA ASN B 138 -0.10 34.23 -18.47
C ASN B 138 0.85 33.64 -19.52
N SER B 139 1.64 32.65 -19.13
CA SER B 139 2.50 31.96 -20.10
C SER B 139 1.66 31.35 -21.22
N LYS B 140 2.27 31.13 -22.39
CA LYS B 140 1.50 30.80 -23.58
C LYS B 140 2.05 29.63 -24.36
N ASP B 141 1.13 28.84 -24.91
CA ASP B 141 1.50 27.90 -25.95
C ASP B 141 1.80 28.70 -27.22
N ASN B 142 2.64 28.14 -28.10
CA ASN B 142 2.95 28.81 -29.36
C ASN B 142 1.70 29.12 -30.20
N SER B 143 0.65 28.32 -30.05
CA SER B 143 -0.59 28.54 -30.80
C SER B 143 -1.38 29.75 -30.29
N GLN B 144 -1.07 30.21 -29.08
CA GLN B 144 -1.86 31.26 -28.41
C GLN B 144 -1.19 32.62 -28.53
N ASP B 145 -1.95 33.63 -28.94
CA ASP B 145 -1.45 35.01 -28.92
C ASP B 145 -1.53 35.57 -27.50
N GLY B 146 -0.76 36.64 -27.27
CA GLY B 146 -0.85 37.37 -26.02
C GLY B 146 0.52 37.64 -25.46
N TYR B 147 0.61 38.70 -24.68
CA TYR B 147 1.85 39.09 -24.01
C TYR B 147 2.06 38.24 -22.77
N THR B 148 3.31 37.90 -22.50
CA THR B 148 3.62 37.08 -21.33
C THR B 148 4.50 37.82 -20.34
N GLY B 149 4.39 37.45 -19.08
CA GLY B 149 5.30 37.98 -18.07
C GLY B 149 6.72 37.45 -18.25
N ASP B 150 7.68 38.09 -17.59
CA ASP B 150 9.08 37.65 -17.65
C ASP B 150 9.28 36.23 -17.13
N VAL B 151 10.21 35.53 -17.76
CA VAL B 151 10.66 34.22 -17.26
C VAL B 151 11.85 34.44 -16.32
N LEU B 152 11.78 33.87 -15.13
CA LEU B 152 12.84 34.01 -14.13
C LEU B 152 13.41 32.65 -13.81
N ILE B 153 14.74 32.58 -13.68
CA ILE B 153 15.44 31.35 -13.36
C ILE B 153 16.24 31.61 -12.09
N ASP B 154 16.04 30.77 -11.08
CA ASP B 154 16.75 30.89 -9.80
C ASP B 154 17.64 29.68 -9.55
N ALA B 155 18.69 29.86 -8.75
CA ALA B 155 19.44 28.72 -8.22
C ALA B 155 19.27 28.70 -6.70
N TYR B 156 18.93 27.52 -6.16
CA TYR B 156 18.83 27.33 -4.70
C TYR B 156 19.73 26.21 -4.21
N LYS B 157 20.37 26.42 -3.07
CA LYS B 157 20.95 25.30 -2.34
C LYS B 157 19.83 24.59 -1.61
N LEU B 158 20.05 23.33 -1.23
CA LEU B 158 18.99 22.57 -0.57
C LEU B 158 18.57 23.17 0.78
N ASP B 159 19.48 23.92 1.40
CA ASP B 159 19.18 24.60 2.68
C ASP B 159 18.34 25.87 2.51
N GLY B 160 18.02 26.20 1.25
CA GLY B 160 17.19 27.35 0.93
C GLY B 160 17.95 28.59 0.53
N THR B 161 19.27 28.54 0.57
CA THR B 161 20.07 29.70 0.17
C THR B 161 19.81 29.98 -1.30
N LYS B 162 19.30 31.17 -1.62
N LYS B 162 19.34 31.19 -1.60
CA LYS B 162 19.16 31.59 -3.01
CA LYS B 162 19.09 31.62 -2.97
C LYS B 162 20.50 32.13 -3.48
C LYS B 162 20.36 32.25 -3.54
N LEU B 163 21.00 31.57 -4.57
N LEU B 163 20.99 31.56 -4.47
CA LEU B 163 22.31 31.96 -5.08
CA LEU B 163 22.28 31.99 -5.02
C LEU B 163 22.21 33.10 -6.08
C LEU B 163 22.12 33.17 -5.97
N TRP B 164 21.11 33.12 -6.82
CA TRP B 164 20.88 34.14 -7.84
C TRP B 164 19.54 33.99 -8.54
N ARG B 165 19.18 35.03 -9.28
CA ARG B 165 18.05 35.08 -10.20
C ARG B 165 18.51 35.68 -11.51
N ILE B 166 18.12 35.01 -12.61
CA ILE B 166 18.26 35.55 -13.97
C ILE B 166 16.86 35.92 -14.45
N ASN B 167 16.72 37.13 -15.01
CA ASN B 167 15.47 37.52 -15.64
C ASN B 167 15.70 37.52 -17.15
N LEU B 168 15.04 36.61 -17.85
N LEU B 168 15.03 36.60 -17.85
CA LEU B 168 15.29 36.48 -19.29
CA LEU B 168 15.23 36.45 -19.29
C LEU B 168 14.74 37.66 -20.09
C LEU B 168 14.77 37.67 -20.07
N GLY B 169 13.84 38.42 -19.47
CA GLY B 169 13.43 39.71 -20.03
C GLY B 169 12.33 39.64 -21.07
N LYS B 170 11.88 40.79 -21.54
N LYS B 170 11.93 40.81 -21.55
CA LYS B 170 10.68 40.86 -22.39
CA LYS B 170 10.75 40.97 -22.42
C LYS B 170 10.83 40.25 -23.78
C LYS B 170 10.84 40.28 -23.77
N ASN B 171 12.06 39.98 -24.22
CA ASN B 171 12.25 39.39 -25.53
C ASN B 171 12.35 37.87 -25.53
N ILE B 172 12.11 37.25 -24.37
CA ILE B 172 11.98 35.81 -24.27
C ILE B 172 10.55 35.51 -23.79
N ARG B 173 9.74 34.99 -24.70
CA ARG B 173 8.35 34.69 -24.41
C ARG B 173 8.26 33.54 -23.39
N ALA B 174 7.28 33.61 -22.49
CA ALA B 174 7.07 32.55 -21.50
C ALA B 174 6.16 31.47 -22.02
N GLY B 175 6.54 30.21 -21.83
CA GLY B 175 5.71 29.09 -22.25
C GLY B 175 6.56 27.84 -22.38
N ALA B 176 5.90 26.68 -22.41
CA ALA B 176 6.58 25.40 -22.40
C ALA B 176 7.64 25.26 -23.49
N HIS B 177 7.36 25.82 -24.66
CA HIS B 177 8.20 25.53 -25.85
C HIS B 177 9.29 26.55 -26.12
N TYR B 178 9.40 27.56 -25.25
CA TYR B 178 10.37 28.64 -25.43
C TYR B 178 11.68 28.29 -24.72
N THR B 179 11.86 28.74 -23.48
CA THR B 179 13.11 28.49 -22.75
C THR B 179 13.32 27.02 -22.43
N GLN B 180 14.46 26.48 -22.86
CA GLN B 180 14.88 25.11 -22.57
C GLN B 180 16.27 25.24 -21.94
N PHE B 181 16.38 24.99 -20.64
CA PHE B 181 17.61 25.32 -19.91
C PHE B 181 18.43 24.08 -19.58
N MET B 182 19.71 24.12 -19.94
CA MET B 182 20.61 23.01 -19.70
C MET B 182 21.55 23.32 -18.54
N VAL B 183 21.55 22.43 -17.56
CA VAL B 183 22.42 22.58 -16.41
C VAL B 183 23.42 21.43 -16.44
N TYR B 184 24.71 21.76 -16.54
CA TYR B 184 25.71 20.71 -16.68
C TYR B 184 27.09 21.29 -16.52
N ASP B 185 28.03 20.47 -16.08
CA ASP B 185 29.44 20.85 -16.09
C ASP B 185 29.96 20.61 -17.51
N LEU B 186 29.77 21.60 -18.37
CA LEU B 186 30.13 21.50 -19.77
C LEU B 186 31.63 21.47 -20.00
N ASP B 187 32.37 22.21 -19.18
CA ASP B 187 33.83 22.35 -19.39
C ASP B 187 34.69 21.41 -18.54
N GLY B 188 34.09 20.74 -17.57
CA GLY B 188 34.78 19.67 -16.85
C GLY B 188 35.67 20.09 -15.70
N ASP B 189 35.33 21.21 -15.06
CA ASP B 189 36.08 21.68 -13.90
C ASP B 189 35.48 21.26 -12.56
N GLY B 190 34.38 20.52 -12.61
CA GLY B 190 33.71 20.06 -11.40
C GLY B 190 32.50 20.86 -10.97
N LYS B 191 32.21 21.97 -11.67
N LYS B 191 32.21 21.95 -11.69
CA LYS B 191 31.08 22.82 -11.30
CA LYS B 191 31.12 22.86 -11.35
C LYS B 191 30.15 23.03 -12.49
C LYS B 191 30.14 22.99 -12.52
N ALA B 192 28.84 22.94 -12.24
CA ALA B 192 27.83 23.12 -13.30
C ALA B 192 27.70 24.57 -13.75
N GLU B 193 27.42 24.73 -15.04
CA GLU B 193 26.96 26.01 -15.57
C GLU B 193 25.55 25.82 -16.10
N VAL B 194 24.94 26.93 -16.53
CA VAL B 194 23.56 26.94 -17.00
C VAL B 194 23.54 27.59 -18.38
N ALA B 195 23.03 26.88 -19.39
CA ALA B 195 23.00 27.40 -20.74
C ALA B 195 21.57 27.46 -21.27
N MET B 196 21.24 28.55 -21.94
N MET B 196 21.24 28.55 -21.94
CA MET B 196 19.91 28.73 -22.51
CA MET B 196 19.90 28.74 -22.49
C MET B 196 19.90 29.86 -23.52
C MET B 196 19.88 29.89 -23.49
N LYS B 197 18.82 29.92 -24.30
CA LYS B 197 18.60 31.00 -25.25
C LYS B 197 18.24 32.28 -24.50
N THR B 198 18.88 33.38 -24.90
CA THR B 198 18.71 34.67 -24.25
C THR B 198 18.45 35.73 -25.33
N ALA B 199 18.24 36.98 -24.92
CA ALA B 199 17.92 38.04 -25.89
C ALA B 199 18.37 39.38 -25.34
N ASP B 200 18.24 40.42 -26.15
CA ASP B 200 18.39 41.78 -25.64
C ASP B 200 17.51 41.92 -24.40
N GLY B 201 18.08 42.44 -23.32
CA GLY B 201 17.30 42.65 -22.11
C GLY B 201 17.35 41.52 -21.11
N THR B 202 17.93 40.38 -21.47
CA THR B 202 18.19 39.34 -20.47
C THR B 202 19.13 39.90 -19.42
N LYS B 203 18.77 39.77 -18.14
CA LYS B 203 19.59 40.29 -17.05
C LYS B 203 20.20 39.13 -16.28
N ASP B 204 21.54 39.08 -16.22
CA ASP B 204 22.22 37.98 -15.55
C ASP B 204 22.13 38.10 -14.03
N GLY B 205 22.66 37.10 -13.33
CA GLY B 205 22.54 37.02 -11.88
C GLY B 205 23.23 38.14 -11.14
N THR B 206 24.15 38.83 -11.82
CA THR B 206 24.88 39.95 -11.22
C THR B 206 24.24 41.29 -11.57
N GLY B 207 23.17 41.24 -12.37
CA GLY B 207 22.45 42.46 -12.73
C GLY B 207 22.92 43.12 -14.01
N LYS B 208 23.75 42.43 -14.79
CA LYS B 208 24.19 42.96 -16.08
C LYS B 208 23.22 42.54 -17.15
N VAL B 209 22.78 43.50 -17.96
CA VAL B 209 21.80 43.25 -19.01
C VAL B 209 22.55 42.99 -20.30
N ILE B 210 22.15 41.91 -20.97
CA ILE B 210 22.76 41.48 -22.24
C ILE B 210 22.22 42.28 -23.42
N GLY B 211 23.11 42.69 -24.32
CA GLY B 211 22.71 43.34 -25.56
C GLY B 211 22.15 44.73 -25.38
N ASN B 212 21.11 45.03 -26.14
N ASN B 212 21.14 45.07 -26.17
CA ASN B 212 20.45 46.33 -26.15
CA ASN B 212 20.49 46.38 -26.11
C ASN B 212 19.39 46.35 -25.05
C ASN B 212 19.41 46.36 -25.05
N ALA B 213 19.73 46.92 -23.90
CA ALA B 213 18.91 46.77 -22.67
C ALA B 213 17.43 47.04 -22.80
N ASN B 214 17.08 48.06 -23.59
CA ASN B 214 15.69 48.51 -23.70
C ASN B 214 14.98 48.12 -25.00
N ALA B 215 15.65 47.37 -25.86
CA ALA B 215 15.03 46.90 -27.11
C ALA B 215 13.79 46.08 -26.80
N ASP B 216 12.75 46.26 -27.60
CA ASP B 216 11.49 45.55 -27.40
C ASP B 216 11.04 44.99 -28.74
N TYR B 217 11.22 43.69 -28.93
CA TYR B 217 10.87 43.01 -30.17
C TYR B 217 9.54 42.25 -30.07
N ARG B 218 8.75 42.54 -29.05
CA ARG B 218 7.43 41.90 -28.95
C ARG B 218 6.52 42.45 -30.02
N ASN B 219 5.93 41.57 -30.81
CA ASN B 219 5.04 42.01 -31.88
C ASN B 219 3.62 42.28 -31.37
N GLU B 220 2.70 42.62 -32.27
CA GLU B 220 1.34 42.97 -31.91
C GLU B 220 0.60 41.86 -31.18
N GLN B 221 1.06 40.62 -31.37
CA GLN B 221 0.44 39.46 -30.75
C GLN B 221 1.25 38.93 -29.57
N GLY B 222 2.25 39.70 -29.14
CA GLY B 222 3.06 39.30 -27.98
C GLY B 222 4.08 38.22 -28.25
N ARG B 223 4.34 37.96 -29.53
N ARG B 223 4.34 37.96 -29.52
CA ARG B 223 5.36 36.99 -29.96
CA ARG B 223 5.38 37.03 -29.93
C ARG B 223 6.63 37.72 -30.43
C ARG B 223 6.65 37.82 -30.24
N VAL B 224 7.79 37.18 -30.06
CA VAL B 224 9.07 37.83 -30.36
C VAL B 224 9.62 37.20 -31.63
N LEU B 225 9.32 37.82 -32.77
CA LEU B 225 9.59 37.25 -34.09
C LEU B 225 10.63 38.03 -34.90
N SER B 226 11.38 38.90 -34.24
CA SER B 226 12.41 39.68 -34.91
C SER B 226 13.44 40.07 -33.88
N GLY B 227 14.54 40.64 -34.36
CA GLY B 227 15.62 41.07 -33.49
C GLY B 227 16.64 39.97 -33.29
N PRO B 228 17.79 40.30 -32.68
CA PRO B 228 18.85 39.32 -32.46
C PRO B 228 18.37 38.25 -31.49
N GLU B 229 19.00 37.08 -31.58
CA GLU B 229 18.76 36.00 -30.63
C GLU B 229 20.11 35.49 -30.18
N TYR B 230 20.23 35.18 -28.89
CA TYR B 230 21.52 34.83 -28.32
C TYR B 230 21.49 33.48 -27.61
N LEU B 231 22.68 32.92 -27.43
CA LEU B 231 22.89 31.72 -26.62
C LEU B 231 23.91 32.09 -25.57
N THR B 232 23.56 31.90 -24.30
CA THR B 232 24.42 32.27 -23.19
C THR B 232 24.75 31.10 -22.30
N VAL B 233 26.02 30.99 -21.90
CA VAL B 233 26.43 30.11 -20.84
C VAL B 233 26.64 30.98 -19.60
N PHE B 234 25.91 30.66 -18.53
CA PHE B 234 25.99 31.38 -17.27
C PHE B 234 26.75 30.55 -16.24
N GLN B 235 27.53 31.23 -15.41
CA GLN B 235 28.26 30.59 -14.33
C GLN B 235 27.27 30.04 -13.32
N GLY B 236 27.42 28.77 -12.93
CA GLY B 236 26.43 28.14 -12.06
C GLY B 236 26.31 28.73 -10.67
N SER B 237 27.44 29.20 -10.13
CA SER B 237 27.43 29.66 -8.75
C SER B 237 26.88 31.07 -8.57
N THR B 238 26.90 31.86 -9.63
CA THR B 238 26.62 33.30 -9.55
C THR B 238 25.56 33.78 -10.52
N GLY B 239 25.29 32.96 -11.54
CA GLY B 239 24.42 33.36 -12.63
C GLY B 239 25.02 34.43 -13.55
N LYS B 240 26.33 34.65 -13.44
N LYS B 240 26.32 34.65 -13.44
CA LYS B 240 27.03 35.62 -14.26
CA LYS B 240 26.98 35.65 -14.26
C LYS B 240 27.17 35.10 -15.70
C LYS B 240 27.19 35.13 -15.68
N GLU B 241 26.93 35.99 -16.67
CA GLU B 241 27.23 35.67 -18.06
C GLU B 241 28.71 35.30 -18.20
N LEU B 242 28.99 34.11 -18.75
CA LEU B 242 30.36 33.72 -19.09
C LEU B 242 30.65 34.01 -20.55
N VAL B 243 29.80 33.50 -21.44
N VAL B 243 29.78 33.54 -21.44
CA VAL B 243 29.90 33.77 -22.87
CA VAL B 243 29.89 33.79 -22.85
C VAL B 243 28.49 33.89 -23.45
C VAL B 243 28.51 33.85 -23.49
N THR B 244 28.35 34.79 -24.41
CA THR B 244 27.13 34.92 -25.19
C THR B 244 27.49 34.93 -26.67
N ALA B 245 26.82 34.09 -27.43
CA ALA B 245 27.00 33.99 -28.87
C ALA B 245 25.66 34.25 -29.58
N ASN B 246 25.68 34.50 -30.90
CA ASN B 246 24.44 34.49 -31.66
C ASN B 246 23.82 33.09 -31.60
N PHE B 247 22.51 33.05 -31.40
CA PHE B 247 21.82 31.76 -31.30
C PHE B 247 21.70 31.09 -32.66
N GLU B 248 22.08 29.81 -32.69
CA GLU B 248 21.75 28.94 -33.83
C GLU B 248 21.09 27.69 -33.25
N PRO B 249 20.06 27.14 -33.93
CA PRO B 249 19.54 27.56 -35.23
C PRO B 249 18.98 28.98 -35.30
N ALA B 250 19.50 29.77 -36.24
CA ALA B 250 19.02 31.14 -36.42
C ALA B 250 17.59 31.16 -36.94
N ARG B 251 16.91 32.27 -36.71
CA ARG B 251 15.50 32.40 -37.10
C ARG B 251 15.28 32.37 -38.62
N GLY B 252 16.09 33.11 -39.36
CA GLY B 252 15.79 33.37 -40.77
C GLY B 252 14.43 34.01 -40.90
N ASN B 253 13.63 33.55 -41.86
CA ASN B 253 12.25 34.01 -41.98
C ASN B 253 11.32 33.12 -41.18
N VAL B 254 10.39 33.74 -40.46
CA VAL B 254 9.35 33.01 -39.73
C VAL B 254 8.71 31.95 -40.63
N SER B 255 8.36 32.34 -41.86
CA SER B 255 7.69 31.44 -42.78
C SER B 255 8.50 30.22 -43.22
N ASP B 256 9.83 30.28 -43.06
CA ASP B 256 10.71 29.15 -43.35
C ASP B 256 10.29 27.88 -42.60
N TRP B 257 9.63 28.09 -41.47
CA TRP B 257 9.38 27.00 -40.51
C TRP B 257 8.02 26.36 -40.64
N GLY B 258 7.15 26.93 -41.48
CA GLY B 258 5.89 26.27 -41.85
C GLY B 258 4.64 27.04 -41.50
N ASP B 259 4.79 28.21 -40.88
CA ASP B 259 3.67 29.14 -40.76
C ASP B 259 4.23 30.55 -40.74
N SER B 260 3.35 31.54 -40.87
CA SER B 260 3.77 32.93 -40.95
C SER B 260 3.32 33.76 -39.75
N TYR B 261 2.75 33.11 -38.74
CA TYR B 261 2.29 33.85 -37.56
C TYR B 261 3.16 33.62 -36.33
N GLY B 262 4.13 32.72 -36.41
CA GLY B 262 5.12 32.57 -35.36
C GLY B 262 4.93 31.41 -34.39
N ASN B 263 4.39 30.31 -34.88
CA ASN B 263 4.20 29.12 -34.05
C ASN B 263 5.37 28.16 -34.22
N ARG B 264 5.51 27.61 -35.42
CA ARG B 264 6.50 26.56 -35.69
C ARG B 264 7.95 27.02 -35.50
N VAL B 265 8.22 28.28 -35.84
CA VAL B 265 9.57 28.86 -35.73
C VAL B 265 10.13 28.79 -34.30
N ASP B 266 9.24 28.82 -33.32
CA ASP B 266 9.68 28.94 -31.95
C ASP B 266 9.49 27.63 -31.15
N ARG B 267 9.70 26.51 -31.84
CA ARG B 267 9.56 25.21 -31.20
C ARG B 267 10.95 24.68 -30.83
N PHE B 268 11.34 24.88 -29.57
CA PHE B 268 12.71 24.61 -29.15
C PHE B 268 12.82 23.37 -28.29
N LEU B 269 13.95 22.67 -28.46
CA LEU B 269 14.37 21.60 -27.53
C LEU B 269 15.86 21.81 -27.26
N ALA B 270 16.40 21.08 -26.28
CA ALA B 270 17.82 21.19 -25.96
C ALA B 270 18.24 19.93 -25.25
N GLY B 271 19.54 19.68 -25.23
CA GLY B 271 20.06 18.52 -24.52
C GLY B 271 21.55 18.60 -24.28
N ILE B 272 22.03 17.68 -23.43
CA ILE B 272 23.44 17.43 -23.22
C ILE B 272 23.73 16.07 -23.83
N ALA B 273 24.78 16.00 -24.65
CA ALA B 273 25.13 14.76 -25.37
C ALA B 273 26.63 14.61 -25.42
N TYR B 274 27.12 13.41 -25.09
CA TYR B 274 28.57 13.12 -25.16
C TYR B 274 28.90 12.71 -26.59
N LEU B 275 28.94 13.69 -27.49
CA LEU B 275 29.16 13.45 -28.91
C LEU B 275 30.54 12.86 -29.20
N ASP B 276 31.51 13.18 -28.35
CA ASP B 276 32.87 12.63 -28.53
C ASP B 276 33.13 11.38 -27.68
N GLY B 277 32.10 10.93 -26.97
CA GLY B 277 32.19 9.73 -26.15
C GLY B 277 32.87 9.86 -24.79
N GLN B 278 33.34 11.06 -24.46
N GLN B 278 33.34 11.06 -24.46
CA GLN B 278 34.08 11.29 -23.22
CA GLN B 278 34.06 11.28 -23.20
C GLN B 278 33.56 12.49 -22.43
C GLN B 278 33.57 12.50 -22.42
N ARG B 279 33.29 13.59 -23.13
CA ARG B 279 32.92 14.85 -22.50
C ARG B 279 31.58 15.36 -23.05
N PRO B 280 30.85 16.17 -22.25
CA PRO B 280 29.55 16.68 -22.70
C PRO B 280 29.63 17.77 -23.76
N SER B 281 28.64 17.75 -24.66
CA SER B 281 28.36 18.83 -25.59
C SER B 281 26.93 19.32 -25.36
N LEU B 282 26.64 20.50 -25.87
CA LEU B 282 25.34 21.15 -25.75
C LEU B 282 24.60 21.10 -27.09
N ILE B 283 23.37 20.60 -27.08
CA ILE B 283 22.53 20.55 -28.26
C ILE B 283 21.38 21.56 -28.16
N MET B 284 21.23 22.41 -29.17
N MET B 284 21.25 22.41 -29.16
CA MET B 284 20.08 23.33 -29.27
CA MET B 284 20.09 23.30 -29.29
C MET B 284 19.35 23.09 -30.58
C MET B 284 19.37 22.94 -30.57
N THR B 285 18.04 22.85 -30.49
CA THR B 285 17.25 22.51 -31.66
C THR B 285 16.14 23.53 -31.87
N ARG B 286 15.68 23.61 -33.10
CA ARG B 286 14.60 24.52 -33.47
C ARG B 286 13.77 23.86 -34.55
N GLY B 287 12.45 23.89 -34.36
CA GLY B 287 11.49 23.30 -35.28
C GLY B 287 11.29 21.82 -35.07
N TYR B 288 10.11 21.36 -35.41
CA TYR B 288 9.87 19.93 -35.60
C TYR B 288 8.68 19.60 -36.49
N TYR B 289 7.71 20.50 -36.62
CA TYR B 289 6.52 20.18 -37.42
C TYR B 289 6.83 20.11 -38.90
N ALA B 290 7.78 20.94 -39.34
CA ALA B 290 8.24 20.98 -40.73
C ALA B 290 9.75 21.17 -40.68
N LYS B 291 10.27 22.28 -41.17
CA LYS B 291 11.72 22.54 -41.08
C LYS B 291 12.24 22.28 -39.68
N THR B 292 13.37 21.59 -39.60
CA THR B 292 13.96 21.15 -38.35
C THR B 292 15.45 21.35 -38.41
N MET B 293 16.01 22.00 -37.39
CA MET B 293 17.44 22.19 -37.28
C MET B 293 17.96 21.79 -35.90
N LEU B 294 19.15 21.19 -35.88
CA LEU B 294 19.85 20.86 -34.64
C LEU B 294 21.26 21.40 -34.74
N VAL B 295 21.74 22.06 -33.68
CA VAL B 295 23.13 22.53 -33.62
C VAL B 295 23.80 22.06 -32.36
N ALA B 296 25.04 21.57 -32.50
CA ALA B 296 25.82 21.10 -31.36
C ALA B 296 26.93 22.10 -31.05
N TYR B 297 27.20 22.28 -29.76
CA TYR B 297 28.24 23.17 -29.28
C TYR B 297 29.07 22.52 -28.19
N ASN B 298 30.31 22.96 -28.07
CA ASN B 298 31.07 22.72 -26.84
C ASN B 298 31.24 24.02 -26.07
N PHE B 299 31.34 23.89 -24.75
CA PHE B 299 31.84 24.97 -23.91
C PHE B 299 33.01 24.42 -23.12
N ARG B 300 34.22 24.79 -23.56
CA ARG B 300 35.44 24.24 -22.99
C ARG B 300 36.51 25.31 -23.08
N ASP B 301 37.42 25.33 -22.12
N ASP B 301 37.46 25.29 -22.14
CA ASP B 301 38.56 26.27 -22.09
CA ASP B 301 38.54 26.28 -22.09
C ASP B 301 38.09 27.73 -22.13
C ASP B 301 37.98 27.69 -22.30
N GLY B 302 36.90 27.98 -21.57
CA GLY B 302 36.29 29.31 -21.54
C GLY B 302 35.57 29.77 -22.80
N LYS B 303 35.50 28.89 -23.82
N LYS B 303 35.49 28.87 -23.80
CA LYS B 303 34.97 29.27 -25.12
CA LYS B 303 35.00 29.21 -25.13
C LYS B 303 33.80 28.40 -25.56
C LYS B 303 33.80 28.39 -25.56
N LEU B 304 32.83 29.04 -26.20
CA LEU B 304 31.71 28.36 -26.82
C LEU B 304 32.06 28.16 -28.29
N SER B 305 32.00 26.91 -28.76
CA SER B 305 32.28 26.62 -30.17
C SER B 305 31.19 25.75 -30.76
N LYS B 306 30.91 25.97 -32.06
CA LYS B 306 29.91 25.17 -32.79
C LYS B 306 30.56 23.96 -33.46
N LEU B 307 29.94 22.80 -33.27
CA LEU B 307 30.51 21.53 -33.77
C LEU B 307 29.93 21.10 -35.10
N TRP B 308 28.60 21.23 -35.22
CA TRP B 308 27.89 20.87 -36.43
C TRP B 308 26.46 21.38 -36.41
N THR B 309 25.84 21.35 -37.58
CA THR B 309 24.44 21.67 -37.80
C THR B 309 23.82 20.58 -38.65
N LEU B 310 22.61 20.13 -38.28
CA LEU B 310 21.75 19.37 -39.19
C LEU B 310 20.56 20.25 -39.54
N ASP B 311 20.32 20.43 -40.83
CA ASP B 311 19.30 21.34 -41.33
C ASP B 311 18.45 20.62 -42.37
N SER B 312 17.20 20.33 -42.04
CA SER B 312 16.32 19.59 -42.94
C SER B 312 16.07 20.31 -44.27
N SER B 313 16.26 21.64 -44.29
CA SER B 313 16.02 22.43 -45.50
C SER B 313 17.14 22.32 -46.54
N LYS B 314 18.25 21.71 -46.15
N LYS B 314 18.27 21.74 -46.14
CA LYS B 314 19.36 21.43 -47.06
CA LYS B 314 19.39 21.58 -47.06
C LYS B 314 19.02 20.26 -47.98
C LYS B 314 19.24 20.29 -47.86
N SER B 315 19.45 20.35 -49.24
N SER B 315 19.34 20.42 -49.18
CA SER B 315 19.27 19.26 -50.19
CA SER B 315 19.13 19.30 -50.10
C SER B 315 19.80 17.97 -49.61
C SER B 315 19.75 18.01 -49.59
N GLY B 316 18.95 16.94 -49.59
CA GLY B 316 19.36 15.62 -49.10
C GLY B 316 18.91 15.32 -47.67
N ASN B 317 18.46 16.34 -46.96
CA ASN B 317 18.01 16.18 -45.57
C ASN B 317 16.50 16.26 -45.41
N GLU B 318 15.77 16.19 -46.52
CA GLU B 318 14.31 16.39 -46.54
C GLU B 318 13.55 15.44 -45.61
N ALA B 319 14.04 14.21 -45.45
CA ALA B 319 13.40 13.20 -44.60
C ALA B 319 13.41 13.57 -43.12
N PHE B 320 14.26 14.54 -42.77
CA PHE B 320 14.46 14.90 -41.37
C PHE B 320 13.61 16.09 -40.94
N ALA B 321 12.61 16.41 -41.75
CA ALA B 321 11.60 17.40 -41.42
C ALA B 321 10.33 16.70 -40.95
N GLY B 322 9.61 17.34 -40.04
CA GLY B 322 8.27 16.87 -39.64
C GLY B 322 8.23 15.69 -38.69
N GLN B 323 9.36 15.37 -38.06
CA GLN B 323 9.44 14.15 -37.27
C GLN B 323 9.55 14.33 -35.76
N GLY B 324 9.89 15.54 -35.31
CA GLY B 324 10.23 15.73 -33.91
C GLY B 324 9.04 15.75 -32.99
N ASN B 325 9.32 15.44 -31.72
CA ASN B 325 8.35 15.50 -30.64
C ASN B 325 8.51 16.79 -29.84
N HIS B 326 7.60 17.00 -28.88
CA HIS B 326 7.84 18.01 -27.84
C HIS B 326 8.83 17.52 -26.77
N ASN B 327 9.78 16.68 -27.17
CA ASN B 327 10.77 16.10 -26.26
C ASN B 327 11.78 15.37 -27.14
N LEU B 328 12.90 14.99 -26.53
CA LEU B 328 13.90 14.17 -27.21
C LEU B 328 14.57 13.24 -26.20
N SER B 329 15.39 12.33 -26.70
CA SER B 329 16.23 11.49 -25.85
C SER B 329 17.64 11.51 -26.38
N ILE B 330 18.58 11.18 -25.50
N ILE B 330 18.60 11.17 -25.52
CA ILE B 330 20.01 11.15 -25.80
CA ILE B 330 20.00 11.12 -25.93
C ILE B 330 20.55 9.82 -25.30
C ILE B 330 20.64 9.90 -25.31
N ALA B 331 21.23 9.07 -26.18
CA ALA B 331 21.79 7.77 -25.79
C ALA B 331 22.78 7.28 -26.82
N ASP B 332 23.72 6.46 -26.38
CA ASP B 332 24.57 5.72 -27.32
C ASP B 332 23.76 4.54 -27.81
N VAL B 333 23.20 4.67 -29.02
CA VAL B 333 22.33 3.63 -29.57
C VAL B 333 23.07 2.64 -30.46
N ASP B 334 24.21 3.05 -31.00
CA ASP B 334 24.93 2.21 -31.99
C ASP B 334 26.18 1.54 -31.43
N GLY B 335 26.48 1.76 -30.15
CA GLY B 335 27.55 1.05 -29.46
C GLY B 335 28.96 1.59 -29.66
N ASP B 336 29.08 2.77 -30.26
CA ASP B 336 30.41 3.38 -30.47
C ASP B 336 30.91 4.23 -29.29
N GLY B 337 30.15 4.26 -28.19
CA GLY B 337 30.52 5.03 -27.00
C GLY B 337 30.07 6.49 -27.01
N LYS B 338 29.67 6.95 -28.19
CA LYS B 338 29.26 8.34 -28.40
C LYS B 338 27.73 8.42 -28.40
N ASP B 339 27.20 9.58 -28.00
CA ASP B 339 25.75 9.76 -27.95
C ASP B 339 25.14 10.18 -29.26
N GLU B 340 24.01 9.54 -29.56
CA GLU B 340 23.14 9.93 -30.65
C GLU B 340 21.90 10.63 -30.07
N ILE B 341 21.13 11.27 -30.94
CA ILE B 341 19.94 12.01 -30.54
C ILE B 341 18.69 11.36 -31.11
N ILE B 342 17.78 10.97 -30.22
CA ILE B 342 16.47 10.46 -30.63
C ILE B 342 15.52 11.64 -30.66
N PHE B 343 15.17 12.05 -31.88
CA PHE B 343 14.43 13.29 -32.08
C PHE B 343 13.05 12.89 -32.60
N GLY B 344 12.21 12.39 -31.69
CA GLY B 344 10.89 11.91 -32.09
C GLY B 344 10.99 10.73 -33.03
N SER B 345 10.46 10.88 -34.23
CA SER B 345 10.46 9.79 -35.21
C SER B 345 11.75 9.66 -36.01
N MET B 346 12.72 10.53 -35.75
N MET B 346 12.73 10.53 -35.74
CA MET B 346 14.01 10.45 -36.43
CA MET B 346 14.02 10.43 -36.42
C MET B 346 15.18 10.46 -35.44
C MET B 346 15.14 10.31 -35.41
N ALA B 347 16.36 10.08 -35.91
CA ALA B 347 17.55 10.05 -35.07
C ALA B 347 18.69 10.74 -35.78
N VAL B 348 19.55 11.35 -34.99
CA VAL B 348 20.72 12.11 -35.48
C VAL B 348 21.98 11.54 -34.86
N ASP B 349 22.99 11.31 -35.71
CA ASP B 349 24.23 10.68 -35.28
C ASP B 349 25.10 11.67 -34.48
N HIS B 350 26.13 11.16 -33.83
CA HIS B 350 27.00 11.96 -32.97
C HIS B 350 27.74 13.06 -33.72
N ASP B 351 27.82 12.90 -35.05
CA ASP B 351 28.49 13.87 -35.94
C ASP B 351 27.51 14.78 -36.70
N GLY B 352 26.24 14.73 -36.32
CA GLY B 352 25.21 15.56 -36.94
C GLY B 352 24.51 15.02 -38.16
N LYS B 353 24.90 13.81 -38.59
N LYS B 353 24.90 13.81 -38.59
CA LYS B 353 24.29 13.18 -39.75
CA LYS B 353 24.27 13.20 -39.76
C LYS B 353 22.94 12.56 -39.40
C LYS B 353 22.93 12.56 -39.39
N GLY B 354 21.92 12.81 -40.23
CA GLY B 354 20.62 12.18 -40.03
C GLY B 354 20.76 10.68 -40.24
N MET B 355 20.25 9.87 -39.30
CA MET B 355 20.41 8.43 -39.35
C MET B 355 19.25 7.75 -40.07
N TYR B 356 18.04 8.09 -39.65
CA TYR B 356 16.82 7.51 -40.20
C TYR B 356 15.64 8.36 -39.79
N SER B 357 14.53 8.14 -40.48
CA SER B 357 13.23 8.66 -40.08
C SER B 357 12.22 7.55 -40.27
N THR B 358 11.38 7.31 -39.27
CA THR B 358 10.33 6.31 -39.43
C THR B 358 9.21 6.88 -40.29
N GLY B 359 9.19 8.20 -40.46
CA GLY B 359 8.13 8.83 -41.23
C GLY B 359 6.80 8.96 -40.51
N LEU B 360 6.73 8.54 -39.25
CA LEU B 360 5.47 8.55 -38.52
C LEU B 360 5.11 9.92 -37.95
N GLY B 361 6.05 10.86 -38.04
CA GLY B 361 5.75 12.24 -37.67
C GLY B 361 5.75 12.55 -36.19
N HIS B 362 5.29 13.77 -35.90
CA HIS B 362 5.34 14.38 -34.59
C HIS B 362 4.50 13.64 -33.55
N GLY B 363 5.03 13.58 -32.32
CA GLY B 363 4.27 13.06 -31.18
C GLY B 363 4.59 13.77 -29.89
N ASP B 364 3.89 13.36 -28.83
CA ASP B 364 3.95 14.08 -27.55
C ASP B 364 4.68 13.37 -26.41
N ALA B 365 4.99 12.10 -26.58
CA ALA B 365 5.71 11.35 -25.56
C ALA B 365 6.70 10.41 -26.21
N LEU B 366 7.75 10.06 -25.47
CA LEU B 366 8.91 9.39 -26.04
C LEU B 366 9.69 8.72 -24.93
N HIS B 367 10.09 7.46 -25.17
CA HIS B 367 10.85 6.68 -24.19
C HIS B 367 11.94 5.91 -24.88
N THR B 368 13.19 6.25 -24.55
CA THR B 368 14.37 5.55 -25.06
C THR B 368 15.12 4.88 -23.92
N GLY B 369 15.24 3.56 -24.02
CA GLY B 369 15.92 2.80 -22.98
C GLY B 369 16.11 1.39 -23.43
N ASP B 370 16.54 0.53 -22.52
CA ASP B 370 16.53 -0.89 -22.85
C ASP B 370 15.16 -1.42 -22.49
N LEU B 371 14.25 -1.32 -23.46
CA LEU B 371 12.85 -1.68 -23.20
C LEU B 371 12.66 -3.17 -23.35
N ASP B 372 13.36 -3.75 -24.33
CA ASP B 372 13.35 -5.20 -24.55
C ASP B 372 14.77 -5.73 -24.30
N PRO B 373 15.03 -6.24 -23.08
CA PRO B 373 16.39 -6.70 -22.76
C PRO B 373 16.79 -7.97 -23.50
N GLY B 374 15.82 -8.62 -24.14
CA GLY B 374 16.10 -9.83 -24.93
C GLY B 374 16.51 -9.53 -26.36
N ARG B 375 16.44 -8.27 -26.74
CA ARG B 375 16.84 -7.82 -28.07
C ARG B 375 18.04 -6.89 -27.92
N PRO B 376 19.19 -7.24 -28.53
CA PRO B 376 20.36 -6.38 -28.38
C PRO B 376 20.09 -4.96 -28.88
N GLY B 377 20.59 -4.00 -28.12
CA GLY B 377 20.41 -2.58 -28.45
C GLY B 377 19.35 -1.92 -27.59
N LEU B 378 19.18 -0.62 -27.82
CA LEU B 378 18.10 0.11 -27.15
C LEU B 378 16.88 0.14 -28.04
N GLU B 379 15.74 0.50 -27.46
CA GLU B 379 14.48 0.57 -28.17
C GLU B 379 13.84 1.92 -27.85
N VAL B 380 12.98 2.37 -28.76
CA VAL B 380 12.26 3.62 -28.58
C VAL B 380 10.77 3.34 -28.69
N PHE B 381 10.05 3.73 -27.66
CA PHE B 381 8.59 3.70 -27.68
C PHE B 381 8.08 5.12 -27.84
N GLN B 382 7.19 5.33 -28.81
CA GLN B 382 6.75 6.67 -29.14
C GLN B 382 5.28 6.66 -29.48
N VAL B 383 4.61 7.78 -29.22
CA VAL B 383 3.24 7.96 -29.67
C VAL B 383 3.18 9.08 -30.68
N HIS B 384 2.11 9.10 -31.47
CA HIS B 384 2.01 9.96 -32.65
C HIS B 384 0.71 10.75 -32.68
N GLU B 385 0.82 11.99 -33.17
CA GLU B 385 -0.28 12.95 -33.12
C GLU B 385 -1.14 12.91 -34.38
N ASP B 386 -0.58 12.46 -35.49
CA ASP B 386 -1.29 12.45 -36.78
C ASP B 386 -2.31 11.32 -36.80
N LYS B 387 -3.59 11.67 -36.86
N LYS B 387 -3.58 11.70 -36.86
CA LYS B 387 -4.68 10.69 -36.90
CA LYS B 387 -4.70 10.74 -36.92
C LYS B 387 -4.58 9.78 -38.12
C LYS B 387 -4.64 9.82 -38.14
N ASN B 388 -3.86 10.22 -39.14
CA ASN B 388 -3.71 9.46 -40.38
C ASN B 388 -2.42 8.64 -40.45
N ALA B 389 -1.64 8.66 -39.37
CA ALA B 389 -0.42 7.85 -39.32
C ALA B 389 -0.76 6.37 -39.32
N LYS B 390 0.12 5.57 -39.92
CA LYS B 390 -0.03 4.11 -39.94
C LYS B 390 -0.16 3.57 -38.51
N TYR B 391 0.61 4.17 -37.60
CA TYR B 391 0.61 3.75 -36.20
C TYR B 391 0.44 4.98 -35.29
N GLY B 392 -0.39 4.81 -34.27
CA GLY B 392 -0.49 5.80 -33.18
C GLY B 392 0.54 5.55 -32.10
N LEU B 393 1.04 4.32 -32.04
CA LEU B 393 2.15 3.96 -31.15
C LEU B 393 3.15 3.11 -31.90
N SER B 394 4.42 3.43 -31.73
CA SER B 394 5.47 2.68 -32.42
C SER B 394 6.56 2.25 -31.47
N PHE B 395 7.09 1.06 -31.70
CA PHE B 395 8.12 0.47 -30.83
C PHE B 395 9.22 0.04 -31.79
N ARG B 396 10.39 0.66 -31.68
CA ARG B 396 11.39 0.52 -32.73
C ARG B 396 12.79 0.27 -32.24
N ASP B 397 13.62 -0.24 -33.17
CA ASP B 397 15.05 -0.35 -32.98
C ASP B 397 15.62 1.07 -32.91
N ALA B 398 16.24 1.42 -31.77
CA ALA B 398 16.72 2.79 -31.56
C ALA B 398 17.79 3.21 -32.57
N ALA B 399 18.64 2.26 -32.95
CA ALA B 399 19.77 2.54 -33.84
C ALA B 399 19.42 2.53 -35.32
N THR B 400 18.59 1.58 -35.74
CA THR B 400 18.26 1.46 -37.17
C THR B 400 16.93 2.09 -37.56
N GLY B 401 16.06 2.32 -36.57
CA GLY B 401 14.72 2.84 -36.86
C GLY B 401 13.68 1.84 -37.30
N LYS B 402 14.12 0.59 -37.46
N LYS B 402 14.09 0.59 -37.52
CA LYS B 402 13.23 -0.52 -37.83
CA LYS B 402 13.15 -0.43 -37.98
C LYS B 402 12.06 -0.61 -36.85
C LYS B 402 12.03 -0.59 -36.94
N ILE B 403 10.85 -0.51 -37.38
N ILE B 403 10.79 -0.54 -37.40
CA ILE B 403 9.67 -0.76 -36.57
CA ILE B 403 9.66 -0.70 -36.50
C ILE B 403 9.68 -2.24 -36.17
C ILE B 403 9.46 -2.17 -36.15
N LEU B 404 9.63 -2.48 -34.88
CA LEU B 404 9.51 -3.85 -34.36
C LEU B 404 8.03 -4.22 -34.27
N TRP B 405 7.23 -3.28 -33.79
CA TRP B 405 5.78 -3.40 -33.82
C TRP B 405 5.15 -2.02 -33.65
N GLY B 406 3.91 -1.89 -34.09
CA GLY B 406 3.17 -0.66 -33.93
C GLY B 406 1.70 -0.98 -33.87
N VAL B 407 0.90 -0.02 -33.44
CA VAL B 407 -0.54 -0.20 -33.38
C VAL B 407 -1.24 1.01 -33.97
N TYR B 408 -2.12 0.78 -34.95
CA TYR B 408 -2.95 1.84 -35.51
C TYR B 408 -3.86 2.44 -34.46
N ALA B 409 -4.06 3.75 -34.52
CA ALA B 409 -5.01 4.43 -33.63
C ALA B 409 -6.10 5.19 -34.36
N GLY B 410 -5.77 5.77 -35.51
CA GLY B 410 -6.73 6.60 -36.26
C GLY B 410 -7.13 7.86 -35.53
N LYS B 411 -6.30 8.26 -34.55
CA LYS B 411 -6.51 9.48 -33.79
C LYS B 411 -5.19 9.93 -33.17
N ASP B 412 -5.18 11.16 -32.68
CA ASP B 412 -4.08 11.72 -31.91
C ASP B 412 -3.90 10.88 -30.64
N VAL B 413 -2.73 10.28 -30.46
CA VAL B 413 -2.42 9.58 -29.21
C VAL B 413 -1.44 10.44 -28.42
N GLY B 414 -1.97 11.16 -27.43
CA GLY B 414 -1.22 12.21 -26.76
C GLY B 414 -0.28 11.76 -25.66
N ARG B 415 -0.40 10.52 -25.20
CA ARG B 415 0.39 10.04 -24.07
C ARG B 415 0.81 8.59 -24.33
N GLY B 416 2.00 8.27 -23.84
CA GLY B 416 2.50 6.91 -23.91
C GLY B 416 3.53 6.76 -22.80
N MET B 417 3.53 5.58 -22.19
CA MET B 417 4.46 5.26 -21.09
C MET B 417 5.23 3.98 -21.35
N ALA B 418 6.43 3.90 -20.77
CA ALA B 418 7.23 2.68 -20.76
C ALA B 418 7.74 2.48 -19.35
N ALA B 419 7.49 1.30 -18.78
CA ALA B 419 7.99 0.93 -17.45
C ALA B 419 7.81 -0.56 -17.25
N ASP B 420 8.77 -1.18 -16.56
CA ASP B 420 8.59 -2.56 -16.13
C ASP B 420 7.60 -2.58 -14.96
N ILE B 421 6.36 -2.95 -15.25
CA ILE B 421 5.29 -2.99 -14.24
C ILE B 421 4.73 -4.41 -14.03
N ASP B 422 5.16 -5.33 -14.89
CA ASP B 422 4.65 -6.69 -14.88
C ASP B 422 5.82 -7.65 -15.06
N PRO B 423 6.19 -8.38 -13.98
CA PRO B 423 7.35 -9.27 -14.04
C PRO B 423 7.09 -10.53 -14.86
N ARG B 424 5.83 -10.75 -15.24
CA ARG B 424 5.49 -11.94 -16.03
C ARG B 424 5.90 -11.81 -17.51
N TYR B 425 6.14 -10.58 -17.95
CA TYR B 425 6.61 -10.32 -19.29
C TYR B 425 7.99 -9.68 -19.17
N PRO B 426 9.04 -10.34 -19.68
CA PRO B 426 10.37 -9.76 -19.57
C PRO B 426 10.45 -8.39 -20.22
N GLY B 427 11.19 -7.50 -19.58
CA GLY B 427 11.38 -6.15 -20.13
C GLY B 427 10.37 -5.13 -19.65
N GLN B 428 10.44 -3.94 -20.25
CA GLN B 428 9.50 -2.88 -19.91
C GLN B 428 8.21 -3.04 -20.70
N GLU B 429 7.08 -2.94 -19.99
CA GLU B 429 5.80 -2.82 -20.65
C GLU B 429 5.65 -1.41 -21.18
N VAL B 430 4.74 -1.23 -22.13
CA VAL B 430 4.42 0.09 -22.67
C VAL B 430 2.91 0.23 -22.76
N TRP B 431 2.40 1.45 -22.64
CA TRP B 431 0.98 1.65 -22.78
C TRP B 431 0.64 2.98 -23.43
N ALA B 432 -0.44 2.95 -24.20
CA ALA B 432 -0.98 4.15 -24.83
C ALA B 432 -2.34 3.80 -25.41
N ASN B 433 -3.17 4.82 -25.52
CA ASN B 433 -4.47 4.70 -26.18
C ASN B 433 -5.32 3.55 -25.62
N GLY B 434 -5.28 3.38 -24.30
CA GLY B 434 -6.19 2.45 -23.63
C GLY B 434 -5.76 0.99 -23.54
N SER B 435 -4.57 0.68 -24.05
CA SER B 435 -4.05 -0.69 -24.00
C SER B 435 -2.63 -0.73 -23.45
N LEU B 436 -2.36 -1.80 -22.71
CA LEU B 436 -1.04 -2.12 -22.16
C LEU B 436 -0.43 -3.24 -22.95
N TYR B 437 0.87 -3.14 -23.23
CA TYR B 437 1.55 -4.13 -24.06
C TYR B 437 2.83 -4.60 -23.42
N SER B 438 3.20 -5.85 -23.71
CA SER B 438 4.56 -6.29 -23.43
C SER B 438 5.52 -5.62 -24.43
N ALA B 439 6.81 -5.76 -24.16
CA ALA B 439 7.85 -5.23 -25.05
C ALA B 439 7.79 -5.85 -26.45
N LYS B 440 7.12 -6.99 -26.56
CA LYS B 440 6.92 -7.69 -27.84
C LYS B 440 5.65 -7.27 -28.57
N GLY B 441 4.84 -6.43 -27.95
CA GLY B 441 3.62 -5.94 -28.59
C GLY B 441 2.36 -6.75 -28.33
N VAL B 442 2.44 -7.63 -27.33
CA VAL B 442 1.29 -8.43 -26.93
C VAL B 442 0.45 -7.63 -25.94
N LYS B 443 -0.83 -7.44 -26.23
CA LYS B 443 -1.73 -6.75 -25.33
C LYS B 443 -1.91 -7.56 -24.05
N ILE B 444 -1.69 -6.92 -22.91
CA ILE B 444 -1.81 -7.55 -21.60
C ILE B 444 -3.14 -7.16 -20.95
N GLY B 445 -3.99 -8.16 -20.72
CA GLY B 445 -5.27 -7.93 -20.07
C GLY B 445 -6.13 -6.89 -20.76
N SER B 446 -6.89 -6.13 -19.97
N SER B 446 -6.90 -6.15 -19.98
CA SER B 446 -7.69 -5.02 -20.49
CA SER B 446 -7.68 -5.03 -20.47
C SER B 446 -7.40 -3.77 -19.69
C SER B 446 -7.21 -3.78 -19.75
N GLY B 447 -7.44 -2.62 -20.36
CA GLY B 447 -7.13 -1.34 -19.73
C GLY B 447 -5.65 -1.10 -19.47
N VAL B 448 -5.39 -0.03 -18.74
CA VAL B 448 -4.06 0.50 -18.54
C VAL B 448 -3.92 1.03 -17.12
N PRO B 449 -2.67 1.27 -16.68
CA PRO B 449 -2.45 2.02 -15.44
C PRO B 449 -3.21 3.35 -15.44
N SER B 450 -3.51 3.85 -14.25
CA SER B 450 -4.37 5.04 -14.10
C SER B 450 -3.69 6.36 -14.47
N SER B 451 -2.41 6.29 -14.83
CA SER B 451 -1.68 7.45 -15.33
C SER B 451 -0.84 7.02 -16.52
N THR B 452 -0.54 7.98 -17.39
CA THR B 452 0.34 7.79 -18.53
C THR B 452 1.21 9.03 -18.61
N ASN B 453 2.08 9.16 -17.60
CA ASN B 453 2.88 10.37 -17.44
C ASN B 453 4.33 10.03 -17.13
N PHE B 454 4.67 9.83 -15.85
CA PHE B 454 6.02 9.44 -15.44
C PHE B 454 6.03 8.03 -14.87
N GLY B 455 7.18 7.39 -14.98
CA GLY B 455 7.50 6.20 -14.21
C GLY B 455 8.54 6.60 -13.19
N ILE B 456 8.45 6.03 -11.99
CA ILE B 456 9.38 6.36 -10.91
C ILE B 456 9.74 5.11 -10.09
N TRP B 457 11.03 4.97 -9.78
CA TRP B 457 11.46 3.94 -8.83
C TRP B 457 11.29 4.48 -7.41
N TRP B 458 10.26 3.98 -6.73
CA TRP B 458 9.87 4.50 -5.43
C TRP B 458 9.92 3.47 -4.30
N ASP B 459 9.31 2.31 -4.52
CA ASP B 459 9.28 1.28 -3.48
C ASP B 459 10.56 0.43 -3.54
N GLY B 460 10.57 -0.71 -2.86
CA GLY B 460 11.77 -1.51 -2.74
C GLY B 460 12.01 -2.51 -3.85
N ASP B 461 11.00 -2.75 -4.69
CA ASP B 461 11.15 -3.75 -5.75
C ASP B 461 11.73 -3.15 -7.04
N LEU B 462 12.18 -4.02 -7.94
CA LEU B 462 12.83 -3.57 -9.17
C LEU B 462 11.86 -3.14 -10.26
N LEU B 463 10.57 -3.38 -10.05
CA LEU B 463 9.55 -2.86 -10.96
C LEU B 463 9.51 -1.34 -10.79
N ARG B 464 8.92 -0.65 -11.76
CA ARG B 464 8.82 0.81 -11.67
C ARG B 464 7.39 1.22 -11.38
N GLU B 465 7.25 2.20 -10.50
CA GLU B 465 5.97 2.74 -10.08
C GLU B 465 5.57 3.89 -11.01
N GLN B 466 4.37 4.43 -10.82
CA GLN B 466 3.87 5.49 -11.70
C GLN B 466 3.67 6.80 -10.96
N LEU B 467 3.98 7.90 -11.61
CA LEU B 467 3.84 9.22 -11.01
C LEU B 467 3.01 10.11 -11.91
N ASP B 468 2.09 10.85 -11.29
CA ASP B 468 1.24 11.79 -12.01
C ASP B 468 0.68 12.74 -10.98
N SER B 469 0.56 14.01 -11.35
CA SER B 469 0.07 15.01 -10.41
C SER B 469 0.89 14.93 -9.12
N ASN B 470 0.23 14.93 -7.95
CA ASN B 470 0.95 14.80 -6.69
C ASN B 470 0.86 13.37 -6.15
N ARG B 471 0.83 12.40 -7.07
CA ARG B 471 0.62 11.00 -6.67
C ARG B 471 1.71 10.06 -7.18
N ILE B 472 2.01 9.05 -6.37
CA ILE B 472 2.74 7.87 -6.83
C ILE B 472 1.81 6.66 -6.67
N ASP B 473 1.66 5.88 -7.74
CA ASP B 473 0.77 4.73 -7.75
C ASP B 473 1.53 3.45 -8.06
N LYS B 474 0.94 2.32 -7.65
CA LYS B 474 1.50 1.00 -7.88
C LYS B 474 0.51 0.18 -8.71
N TRP B 475 1.02 -0.46 -9.76
CA TRP B 475 0.20 -1.32 -10.63
C TRP B 475 0.13 -2.74 -10.07
N ASP B 476 -1.09 -3.18 -9.80
CA ASP B 476 -1.34 -4.59 -9.49
C ASP B 476 -1.42 -5.30 -10.83
N TYR B 477 -0.33 -5.95 -11.20
CA TYR B 477 -0.26 -6.56 -12.54
C TYR B 477 -1.16 -7.76 -12.70
N GLN B 478 -1.32 -8.54 -11.63
N GLN B 478 -1.32 -8.54 -11.62
CA GLN B 478 -2.19 -9.72 -11.65
CA GLN B 478 -2.17 -9.72 -11.66
C GLN B 478 -3.63 -9.35 -11.99
C GLN B 478 -3.63 -9.37 -11.95
N ASN B 479 -4.12 -8.28 -11.36
CA ASN B 479 -5.52 -7.88 -11.49
C ASN B 479 -5.74 -6.71 -12.44
N GLY B 480 -4.65 -6.09 -12.87
CA GLY B 480 -4.74 -5.00 -13.85
C GLY B 480 -5.40 -3.74 -13.32
N VAL B 481 -4.95 -3.30 -12.15
N VAL B 481 -4.97 -3.31 -12.14
CA VAL B 481 -5.50 -2.10 -11.51
CA VAL B 481 -5.50 -2.07 -11.54
C VAL B 481 -4.40 -1.32 -10.79
C VAL B 481 -4.42 -1.32 -10.77
N SER B 482 -4.50 0.00 -10.82
CA SER B 482 -3.56 0.87 -10.10
C SER B 482 -4.09 1.16 -8.71
N LYS B 483 -3.18 1.24 -7.76
CA LYS B 483 -3.51 1.63 -6.39
C LYS B 483 -2.56 2.72 -5.92
N ASN B 484 -3.08 3.68 -5.17
CA ASN B 484 -2.24 4.76 -4.71
C ASN B 484 -1.23 4.34 -3.64
N MET B 485 -0.02 4.88 -3.73
N MET B 485 -0.01 4.84 -3.76
CA MET B 485 1.08 4.57 -2.81
CA MET B 485 1.02 4.61 -2.75
C MET B 485 1.55 5.81 -2.04
C MET B 485 1.26 5.87 -1.93
N LEU B 486 1.38 6.99 -2.65
CA LEU B 486 1.67 8.27 -2.02
C LEU B 486 0.79 9.33 -2.63
N THR B 487 0.20 10.16 -1.76
CA THR B 487 -0.45 11.38 -2.20
C THR B 487 0.22 12.49 -1.38
N ALA B 488 0.89 13.40 -2.06
CA ALA B 488 1.62 14.47 -1.39
C ALA B 488 0.68 15.63 -1.08
N SER B 489 -0.01 15.52 0.04
N SER B 489 -0.01 15.52 0.04
CA SER B 489 -0.96 16.55 0.45
CA SER B 489 -0.96 16.54 0.46
C SER B 489 -0.27 17.89 0.64
C SER B 489 -0.26 17.89 0.65
N GLY B 490 -0.82 18.93 0.02
CA GLY B 490 -0.23 20.28 0.10
C GLY B 490 0.82 20.57 -0.97
N ALA B 491 1.16 19.54 -1.74
CA ALA B 491 2.07 19.71 -2.87
C ALA B 491 1.27 19.66 -4.16
N ALA B 492 1.75 20.35 -5.19
CA ALA B 492 1.04 20.42 -6.46
C ALA B 492 1.99 20.16 -7.62
N ALA B 493 1.45 19.59 -8.69
CA ALA B 493 2.18 19.44 -9.93
C ALA B 493 2.03 20.68 -10.81
N ASN B 494 2.74 20.68 -11.92
CA ASN B 494 2.81 21.85 -12.80
C ASN B 494 2.29 21.58 -14.19
N ASN B 495 2.17 22.66 -14.95
CA ASN B 495 1.93 22.61 -16.38
C ASN B 495 0.55 22.11 -16.76
N GLY B 496 -0.45 22.48 -15.94
CA GLY B 496 -1.83 22.17 -16.27
C GLY B 496 -2.07 20.69 -16.37
N THR B 497 -2.72 20.26 -17.45
CA THR B 497 -3.05 18.84 -17.60
C THR B 497 -1.81 17.93 -17.74
N LYS B 498 -0.65 18.49 -18.08
CA LYS B 498 0.57 17.68 -18.11
C LYS B 498 0.92 17.18 -16.71
N ALA B 499 0.59 17.97 -15.69
CA ALA B 499 0.67 17.56 -14.29
C ALA B 499 2.02 16.91 -13.94
N THR B 500 3.09 17.65 -14.23
CA THR B 500 4.45 17.17 -14.04
C THR B 500 5.04 17.67 -12.71
N PRO B 501 5.94 16.90 -12.10
CA PRO B 501 6.60 17.41 -10.91
C PRO B 501 7.64 18.47 -11.30
N THR B 502 7.99 19.34 -10.35
CA THR B 502 9.09 20.27 -10.57
C THR B 502 10.33 19.48 -11.02
N LEU B 503 10.60 18.34 -10.39
CA LEU B 503 11.67 17.44 -10.84
C LEU B 503 11.49 16.07 -10.23
N GLN B 504 11.83 15.04 -11.01
CA GLN B 504 11.99 13.69 -10.46
C GLN B 504 13.41 13.24 -10.78
N ALA B 505 14.15 12.81 -9.76
CA ALA B 505 15.56 12.41 -9.97
C ALA B 505 16.08 11.75 -8.72
N ASP B 506 16.99 10.80 -8.88
CA ASP B 506 17.73 10.28 -7.73
C ASP B 506 18.78 11.35 -7.34
N LEU B 507 18.37 12.22 -6.42
N LEU B 507 18.39 12.27 -6.46
CA LEU B 507 19.16 13.35 -5.94
CA LEU B 507 19.28 13.38 -6.11
C LEU B 507 19.88 13.09 -4.62
C LEU B 507 19.87 13.27 -4.71
N LEU B 508 19.26 12.25 -3.79
N LEU B 508 19.51 12.20 -4.00
CA LEU B 508 19.73 12.01 -2.43
CA LEU B 508 20.10 11.92 -2.69
C LEU B 508 19.51 10.55 -2.08
C LEU B 508 19.72 10.50 -2.24
N GLY B 509 20.34 10.02 -1.17
CA GLY B 509 20.09 8.68 -0.65
C GLY B 509 20.36 7.59 -1.66
N ASP B 510 19.68 6.46 -1.50
CA ASP B 510 19.94 5.29 -2.35
C ASP B 510 19.29 5.44 -3.73
N TRP B 511 19.30 4.36 -4.51
CA TRP B 511 18.97 4.43 -5.94
C TRP B 511 17.53 4.84 -6.27
N ARG B 512 16.61 4.83 -5.31
CA ARG B 512 15.24 5.25 -5.62
C ARG B 512 15.22 6.74 -5.96
N GLU B 513 14.19 7.14 -6.69
CA GLU B 513 14.12 8.51 -7.18
C GLU B 513 13.37 9.40 -6.21
N GLU B 514 13.92 10.61 -5.99
CA GLU B 514 13.25 11.63 -5.21
C GLU B 514 12.27 12.38 -6.09
N VAL B 515 11.26 12.99 -5.48
CA VAL B 515 10.34 13.89 -6.20
C VAL B 515 10.43 15.26 -5.58
N VAL B 516 10.54 16.27 -6.44
CA VAL B 516 10.48 17.67 -6.01
C VAL B 516 9.15 18.25 -6.52
N TRP B 517 8.27 18.60 -5.58
CA TRP B 517 6.99 19.23 -5.90
C TRP B 517 6.95 20.58 -5.21
N ARG B 518 6.39 21.57 -5.88
CA ARG B 518 6.12 22.86 -5.23
C ARG B 518 4.97 22.69 -4.25
N THR B 519 4.92 23.56 -3.25
CA THR B 519 3.70 23.72 -2.47
C THR B 519 2.67 24.47 -3.31
N GLU B 520 1.41 24.40 -2.92
N GLU B 520 1.41 24.40 -2.91
CA GLU B 520 0.34 25.04 -3.68
CA GLU B 520 0.34 25.04 -3.66
C GLU B 520 0.60 26.53 -3.95
C GLU B 520 0.64 26.52 -3.96
N ASP B 521 1.14 27.24 -2.96
CA ASP B 521 1.42 28.68 -3.08
C ASP B 521 2.84 29.02 -3.55
N SER B 522 3.61 28.01 -3.93
CA SER B 522 5.01 28.19 -4.37
C SER B 522 5.92 28.92 -3.38
N SER B 523 5.61 28.83 -2.10
CA SER B 523 6.50 29.37 -1.07
C SER B 523 7.70 28.46 -0.83
N ALA B 524 7.59 27.20 -1.28
CA ALA B 524 8.65 26.22 -1.08
C ALA B 524 8.59 25.12 -2.11
N LEU B 525 9.72 24.45 -2.29
CA LEU B 525 9.74 23.14 -2.95
C LEU B 525 9.85 22.10 -1.83
N ARG B 526 9.24 20.94 -2.05
CA ARG B 526 9.34 19.82 -1.13
C ARG B 526 10.04 18.66 -1.82
N ILE B 527 11.07 18.13 -1.19
CA ILE B 527 11.81 16.99 -1.73
C ILE B 527 11.37 15.75 -0.97
N TYR B 528 10.67 14.85 -1.66
CA TYR B 528 10.23 13.59 -1.07
C TYR B 528 11.26 12.51 -1.38
N THR B 529 11.68 11.78 -0.35
CA THR B 529 12.57 10.63 -0.54
C THR B 529 11.89 9.42 0.08
N THR B 530 12.05 8.26 -0.54
CA THR B 530 11.37 7.07 -0.04
C THR B 530 11.93 6.59 1.29
N THR B 531 11.04 6.04 2.12
CA THR B 531 11.43 5.36 3.36
C THR B 531 11.06 3.89 3.29
N ILE B 532 10.77 3.38 2.09
CA ILE B 532 10.45 1.98 1.90
C ILE B 532 11.77 1.23 1.76
N PRO B 533 12.04 0.27 2.67
CA PRO B 533 13.30 -0.48 2.58
C PRO B 533 13.44 -1.27 1.28
N THR B 534 14.68 -1.47 0.85
CA THR B 534 14.99 -2.34 -0.29
C THR B 534 16.16 -3.26 0.03
N GLU B 535 16.14 -4.46 -0.56
N GLU B 535 16.14 -4.44 -0.58
CA GLU B 535 17.27 -5.38 -0.47
CA GLU B 535 17.24 -5.40 -0.48
C GLU B 535 18.35 -5.00 -1.47
C GLU B 535 18.26 -5.17 -1.59
N HIS B 536 17.97 -4.19 -2.47
CA HIS B 536 18.82 -3.92 -3.62
C HIS B 536 19.70 -2.69 -3.46
N ARG B 537 20.97 -2.86 -3.85
CA ARG B 537 21.89 -1.75 -3.98
C ARG B 537 22.22 -1.59 -5.46
N LEU B 538 22.04 -0.36 -5.96
CA LEU B 538 22.39 -0.04 -7.34
C LEU B 538 23.18 1.25 -7.32
N TYR B 539 24.06 1.42 -8.31
CA TYR B 539 24.78 2.68 -8.44
C TYR B 539 23.80 3.84 -8.53
N THR B 540 24.15 4.94 -7.87
CA THR B 540 23.32 6.14 -7.95
C THR B 540 22.98 6.40 -9.42
N LEU B 541 21.72 6.74 -9.67
CA LEU B 541 21.27 6.81 -11.06
C LEU B 541 21.91 7.96 -11.83
N MET B 542 22.37 8.98 -11.10
CA MET B 542 23.08 10.10 -11.73
C MET B 542 24.46 9.73 -12.26
N HIS B 543 24.90 8.50 -11.98
CA HIS B 543 26.12 7.98 -12.55
C HIS B 543 25.89 7.07 -13.74
N ASP B 544 24.63 6.98 -14.18
CA ASP B 544 24.32 6.25 -15.41
C ASP B 544 24.29 7.25 -16.57
N PRO B 545 24.95 6.94 -17.70
N PRO B 545 24.98 6.92 -17.68
CA PRO B 545 25.02 7.98 -18.73
CA PRO B 545 25.15 7.73 -18.90
C PRO B 545 23.63 8.42 -19.19
C PRO B 545 23.91 8.14 -19.70
N VAL B 546 22.77 7.47 -19.51
CA VAL B 546 21.47 7.83 -20.10
C VAL B 546 20.57 8.52 -19.07
N TYR B 547 20.53 8.01 -17.84
CA TYR B 547 19.69 8.62 -16.81
C TYR B 547 20.12 10.04 -16.50
N ARG B 548 21.43 10.26 -16.33
CA ARG B 548 21.91 11.61 -16.02
C ARG B 548 21.53 12.61 -17.12
N LEU B 549 21.62 12.17 -18.37
CA LEU B 549 21.26 13.03 -19.48
C LEU B 549 19.75 13.29 -19.49
N GLY B 550 18.98 12.30 -19.05
CA GLY B 550 17.53 12.44 -18.95
C GLY B 550 17.15 13.49 -17.94
N ILE B 551 17.86 13.56 -16.82
CA ILE B 551 17.59 14.61 -15.86
C ILE B 551 17.89 15.99 -16.46
N ALA B 552 18.97 16.08 -17.23
CA ALA B 552 19.28 17.36 -17.90
C ALA B 552 18.16 17.81 -18.82
N TRP B 553 17.56 16.89 -19.58
CA TRP B 553 16.45 17.30 -20.46
C TRP B 553 15.05 17.19 -19.88
N GLN B 554 14.92 16.79 -18.61
CA GLN B 554 13.57 16.61 -18.07
C GLN B 554 12.70 17.83 -18.25
N ASN B 555 13.27 19.02 -18.04
CA ASN B 555 12.48 20.24 -18.10
C ASN B 555 11.96 20.54 -19.49
N ILE B 556 12.62 20.03 -20.52
CA ILE B 556 12.36 20.59 -21.85
C ILE B 556 10.95 20.31 -22.33
N ALA B 557 10.34 21.35 -22.91
CA ALA B 557 9.01 21.27 -23.51
C ALA B 557 8.09 20.37 -22.68
N TYR B 558 7.53 19.31 -23.26
CA TYR B 558 6.66 18.43 -22.49
C TYR B 558 7.49 17.37 -21.76
N ASN B 559 7.80 17.69 -20.52
CA ASN B 559 8.67 16.90 -19.65
C ASN B 559 8.38 15.42 -19.75
N GLN B 560 9.42 14.62 -19.98
CA GLN B 560 9.33 13.16 -20.00
C GLN B 560 10.17 12.56 -18.89
N PRO B 561 9.80 11.35 -18.43
CA PRO B 561 10.57 10.69 -17.36
C PRO B 561 11.91 10.14 -17.84
N PRO B 562 12.87 10.01 -16.92
CA PRO B 562 14.19 9.51 -17.30
C PRO B 562 14.26 7.98 -17.36
N HIS B 563 15.23 7.51 -18.13
CA HIS B 563 15.50 6.08 -18.24
C HIS B 563 16.96 5.77 -18.03
N THR B 564 17.26 4.53 -17.67
CA THR B 564 18.64 4.10 -17.54
C THR B 564 19.18 3.50 -18.85
N SER B 565 20.50 3.49 -19.02
CA SER B 565 21.13 2.93 -20.22
C SER B 565 21.03 1.40 -20.26
N PHE B 566 20.77 0.82 -19.10
CA PHE B 566 20.67 -0.62 -18.92
C PHE B 566 19.26 -0.97 -18.50
N PHE B 567 18.90 -2.25 -18.65
CA PHE B 567 17.63 -2.71 -18.16
C PHE B 567 17.64 -2.79 -16.63
N LEU B 568 16.90 -1.87 -16.01
CA LEU B 568 16.66 -1.87 -14.58
C LEU B 568 15.24 -2.37 -14.38
N GLY B 569 15.11 -3.58 -13.86
CA GLY B 569 13.80 -4.16 -13.64
C GLY B 569 13.89 -5.60 -13.19
N ASP B 570 12.75 -6.25 -13.16
CA ASP B 570 12.69 -7.63 -12.71
C ASP B 570 13.45 -8.51 -13.69
N GLY B 571 14.31 -9.38 -13.13
CA GLY B 571 15.12 -10.27 -13.93
C GLY B 571 16.39 -9.65 -14.51
N MET B 572 16.71 -8.42 -14.10
CA MET B 572 17.91 -7.75 -14.58
C MET B 572 19.19 -8.47 -14.15
N ALA B 573 20.26 -8.23 -14.91
CA ALA B 573 21.58 -8.69 -14.56
C ALA B 573 22.23 -7.73 -13.55
N GLU B 574 23.21 -8.23 -12.80
N GLU B 574 23.24 -8.22 -12.84
CA GLU B 574 23.98 -7.37 -11.90
CA GLU B 574 24.11 -7.36 -12.05
C GLU B 574 24.78 -6.39 -12.74
C GLU B 574 24.71 -6.29 -12.96
N GLN B 575 24.78 -5.13 -12.36
N GLN B 575 24.74 -5.06 -12.48
CA GLN B 575 25.35 -4.11 -13.21
CA GLN B 575 25.31 -3.99 -13.29
C GLN B 575 26.84 -3.87 -13.00
C GLN B 575 26.81 -3.85 -13.02
N PRO B 576 27.61 -3.69 -14.10
CA PRO B 576 29.02 -3.43 -13.95
C PRO B 576 29.22 -2.00 -13.45
N LYS B 577 30.39 -1.74 -12.88
CA LYS B 577 30.77 -0.40 -12.49
C LYS B 577 30.66 0.51 -13.73
N PRO B 578 30.06 1.70 -13.58
CA PRO B 578 30.05 2.63 -14.71
C PRO B 578 31.46 3.02 -15.13
N ASN B 579 31.67 3.17 -16.44
CA ASN B 579 32.95 3.57 -16.98
C ASN B 579 33.00 5.09 -17.01
N MET B 580 33.52 5.65 -15.91
CA MET B 580 33.48 7.08 -15.68
C MET B 580 34.71 7.57 -14.93
N TYR B 581 34.96 8.86 -15.06
CA TYR B 581 35.89 9.58 -14.20
C TYR B 581 35.22 10.86 -13.74
N THR B 582 35.69 11.44 -12.65
CA THR B 582 35.20 12.75 -12.20
C THR B 582 36.29 13.79 -12.46
N PRO B 583 35.90 15.07 -12.63
CA PRO B 583 36.90 16.14 -12.72
C PRO B 583 37.75 16.23 -11.44
#